data_8Q3D
#
_entry.id   8Q3D
#
_cell.length_a   79.800
_cell.length_b   178.340
_cell.length_c   58.260
_cell.angle_alpha   90.000
_cell.angle_beta   90.000
_cell.angle_gamma   90.000
#
_symmetry.space_group_name_H-M   'P 21 21 2'
#
loop_
_entity.id
_entity.type
_entity.pdbx_description
1 polymer 'Glycylpeptide N-tetradecanoyltransferase 1'
2 polymer 'Glycylpeptide N-tetradecanoyltransferase 1'
3 polymer 'GNCFSKPR(NH2) inhibitor peptide'
4 non-polymer 'COENZYME A'
5 non-polymer GLYCEROL
6 non-polymer 'CHLORIDE ION'
7 non-polymer 'MYRISTIC ACID'
8 water water
#
loop_
_entity_poly.entity_id
_entity_poly.type
_entity_poly.pdbx_seq_one_letter_code
_entity_poly.pdbx_strand_id
1 'polypeptide(L)'
;GSEFSVGQGPAKTMEEASKRSYQFWDTQPVPKLGEVVNTHGPVEPDKDNIRQEPYTLPQGFTWDALDLGDRGVLKELYTL
LNENYVEDDDNMFRFDYSPEFLLWALRPPGWLPQWHCGVRVVSSRKLVGFISAIPANIHIYDTEKKMVEINFLCVHKKLR
SKRVAPVLIREITRRVHLEGIFQAVYTAGVVLPKPVGTCRYWHRSLNPRKLIEVKFSHLSRNMTMQRTMKLYRLPETPKT
AGLRPMETKDIPVVHQLLTRYLKQFHLTPVMSQEEVEHWFYPQENIIDTFVVENANGEVTDFLSFYTLPSTIMNHPTHKS
LKAAYSFYNVHTQTPLLDLMSDALVLAKMKGFDVFNALDLMENKTFLEKLKFGIGDGNLQYYLYNWKCPSMGAEKVGLVL
Q
;
A
2 'polypeptide(L)'
;GSEFSVGQGPAKTMEEASKRSYQFWDTQPVPKLGEVVNTHGPVEPDKDNIRQEPYTLPQGFTWDALDLGDRGVLKELYTL
LNENYVEDDDNMFRFDYSPQFLLWALRPPGWLPQWHCGVRVVSSRKLVGFISAIPANIHIYDTEKKMVEINFLCVHKKLR
SKRVAPVLIREITRRVHLEGIFQAVYTAGVVLPKPVGTCRYWHRSLNPRKLIEVKFSHLSRNMTMQRTMKLYRLPETPKT
AGLRPMETKDIPVVHQLLTRYLKQFHLTPVMSQEEVEHWFYPQENIIDTFVVENANGEVTDFLSFYTLPSTIMNHPTHKS
LKAAYSFYNVHTQTPLLDLMSDALVLAKMKGFDVFNALDLMENKTFLEKLKFGIGDGNLQYYLYNWKCPSMGAEKVGLVL
Q
;
B
3 'polypeptide(L)' GNCFSKPR(NH2) C,D
#
loop_
_chem_comp.id
_chem_comp.type
_chem_comp.name
_chem_comp.formula
CL non-polymer 'CHLORIDE ION' 'Cl -1'
COA non-polymer 'COENZYME A' 'C21 H36 N7 O16 P3 S'
GOL non-polymer GLYCEROL 'C3 H8 O3'
MYR non-polymer 'MYRISTIC ACID' 'C14 H28 O2'
NH2 non-polymer 'AMINO GROUP' 'H2 N'
#
# COMPACT_ATOMS: atom_id res chain seq x y z
N GLY A 9 -5.81 32.80 -15.40
CA GLY A 9 -7.06 32.24 -15.89
C GLY A 9 -6.96 30.81 -16.42
N PRO A 10 -8.02 30.02 -16.19
CA PRO A 10 -8.02 28.63 -16.67
C PRO A 10 -8.36 28.55 -18.14
N ALA A 11 -7.89 27.47 -18.78
CA ALA A 11 -8.11 27.24 -20.20
C ALA A 11 -8.95 25.97 -20.37
N LYS A 12 -10.16 26.12 -20.91
CA LYS A 12 -11.01 24.96 -21.18
C LYS A 12 -10.77 24.37 -22.57
N THR A 13 -10.19 25.14 -23.48
CA THR A 13 -9.94 24.69 -24.85
C THR A 13 -8.44 24.57 -25.09
N MET A 14 -8.06 23.74 -26.05
CA MET A 14 -6.65 23.68 -26.41
C MET A 14 -6.20 24.97 -27.10
N GLU A 15 -7.11 25.65 -27.79
CA GLU A 15 -6.77 26.94 -28.39
C GLU A 15 -6.39 27.94 -27.30
N GLU A 16 -7.27 28.15 -26.32
CA GLU A 16 -6.96 29.08 -25.25
C GLU A 16 -5.75 28.62 -24.44
N ALA A 17 -5.51 27.30 -24.37
CA ALA A 17 -4.37 26.77 -23.63
C ALA A 17 -3.05 27.09 -24.32
N SER A 18 -3.03 27.06 -25.66
CA SER A 18 -1.80 27.34 -26.39
C SER A 18 -1.30 28.76 -26.14
N LYS A 19 -2.21 29.69 -25.86
CA LYS A 19 -1.86 31.10 -25.66
C LYS A 19 -1.55 31.42 -24.20
N ARG A 20 -1.42 30.42 -23.33
CA ARG A 20 -1.18 30.63 -21.93
C ARG A 20 0.23 30.17 -21.56
N SER A 21 0.80 30.85 -20.56
CA SER A 21 2.00 30.38 -19.89
C SER A 21 1.60 29.82 -18.54
N TYR A 22 2.28 28.78 -18.12
CA TYR A 22 1.90 28.04 -16.92
C TYR A 22 3.03 28.21 -15.91
N GLN A 23 2.96 29.31 -15.14
CA GLN A 23 4.01 29.61 -14.17
C GLN A 23 4.20 28.44 -13.20
N PHE A 24 3.12 27.82 -12.74
CA PHE A 24 3.26 26.68 -11.84
C PHE A 24 3.64 25.40 -12.57
N TRP A 25 2.84 25.01 -13.57
CA TRP A 25 3.05 23.69 -14.17
C TRP A 25 4.39 23.59 -14.90
N ASP A 26 4.95 24.72 -15.34
CA ASP A 26 6.30 24.69 -15.93
C ASP A 26 7.35 24.22 -14.93
N THR A 27 7.10 24.38 -13.63
CA THR A 27 8.05 23.95 -12.60
C THR A 27 7.92 22.48 -12.26
N GLN A 28 6.89 21.79 -12.79
CA GLN A 28 6.48 20.45 -12.38
C GLN A 28 7.01 19.39 -13.33
N PRO A 29 7.14 18.13 -12.87
CA PRO A 29 7.62 17.07 -13.77
C PRO A 29 6.51 16.47 -14.63
N VAL A 30 5.98 17.30 -15.53
CA VAL A 30 5.02 16.91 -16.56
C VAL A 30 5.53 17.40 -17.92
N PRO A 31 5.16 16.77 -19.03
CA PRO A 31 5.59 17.29 -20.34
C PRO A 31 4.98 18.64 -20.65
N LYS A 32 5.64 19.39 -21.52
CA LYS A 32 5.11 20.67 -21.96
C LYS A 32 3.94 20.46 -22.92
N LEU A 33 3.02 21.42 -22.92
CA LEU A 33 1.80 21.31 -23.73
C LEU A 33 2.13 21.15 -25.22
N GLY A 34 3.17 21.84 -25.68
CA GLY A 34 3.52 21.81 -27.10
C GLY A 34 4.14 20.51 -27.60
N GLU A 35 5.01 19.88 -26.81
CA GLU A 35 5.81 18.78 -27.31
C GLU A 35 4.95 17.54 -27.57
N VAL A 36 5.41 16.71 -28.49
CA VAL A 36 4.89 15.37 -28.68
C VAL A 36 5.79 14.43 -27.89
N VAL A 37 5.19 13.47 -27.19
CA VAL A 37 5.94 12.59 -26.31
C VAL A 37 6.30 11.32 -27.06
N ASN A 38 7.59 11.03 -27.16
CA ASN A 38 8.09 9.91 -27.92
C ASN A 38 8.56 8.74 -27.06
N THR A 39 8.74 8.95 -25.76
CA THR A 39 9.33 7.97 -24.85
C THR A 39 8.30 7.47 -23.85
N HIS A 40 8.71 6.47 -23.09
CA HIS A 40 7.95 5.96 -21.95
C HIS A 40 8.82 6.02 -20.71
N GLY A 41 8.32 6.63 -19.64
CA GLY A 41 8.96 6.55 -18.36
C GLY A 41 8.86 7.81 -17.53
N PRO A 42 9.50 7.80 -16.37
CA PRO A 42 9.39 8.93 -15.45
C PRO A 42 10.03 10.19 -16.02
N VAL A 43 9.45 11.34 -15.66
CA VAL A 43 10.02 12.61 -16.10
C VAL A 43 11.33 12.89 -15.37
N GLU A 44 11.40 12.51 -14.10
CA GLU A 44 12.56 12.71 -13.25
C GLU A 44 12.68 11.51 -12.33
N PRO A 45 13.88 11.22 -11.82
CA PRO A 45 14.05 10.03 -10.98
C PRO A 45 13.36 10.21 -9.64
N ASP A 46 13.13 9.09 -8.98
CA ASP A 46 12.59 9.09 -7.63
C ASP A 46 13.53 9.86 -6.71
N LYS A 47 12.96 10.55 -5.73
CA LYS A 47 13.74 11.39 -4.83
C LYS A 47 14.28 10.56 -3.65
N ASP A 48 15.58 10.73 -3.36
CA ASP A 48 16.22 10.02 -2.25
C ASP A 48 15.96 10.64 -0.90
N ASN A 49 15.61 11.93 -0.86
CA ASN A 49 15.30 12.61 0.39
C ASN A 49 14.13 13.56 0.13
N ILE A 50 13.19 13.61 1.06
CA ILE A 50 11.95 14.34 0.90
C ILE A 50 11.91 15.44 1.96
N ARG A 51 11.53 16.64 1.54
CA ARG A 51 11.27 17.75 2.44
C ARG A 51 10.34 17.35 3.58
N GLN A 52 10.80 17.60 4.81
CA GLN A 52 10.09 17.15 6.01
C GLN A 52 9.07 18.15 6.52
N GLU A 53 9.23 19.42 6.19
CA GLU A 53 8.38 20.52 6.62
C GLU A 53 7.23 20.72 5.64
N PRO A 54 6.02 20.91 6.12
CA PRO A 54 4.91 21.25 5.21
C PRO A 54 5.20 22.59 4.56
N TYR A 55 4.74 22.75 3.31
CA TYR A 55 4.89 24.02 2.64
C TYR A 55 4.16 25.11 3.41
N THR A 56 4.66 26.34 3.29
CA THR A 56 4.08 27.47 4.00
C THR A 56 2.84 27.99 3.28
N LEU A 57 1.80 28.26 4.06
CA LEU A 57 0.56 28.86 3.60
C LEU A 57 0.57 30.34 3.89
N PRO A 58 -0.28 31.14 3.22
CA PRO A 58 -0.38 32.56 3.57
C PRO A 58 -0.71 32.73 5.04
N GLN A 59 -0.27 33.86 5.60
CA GLN A 59 -0.48 34.12 7.02
C GLN A 59 -1.96 33.98 7.38
N GLY A 60 -2.24 33.29 8.48
CA GLY A 60 -3.60 33.14 8.96
C GLY A 60 -4.26 31.82 8.60
N PHE A 61 -3.57 30.93 7.91
CA PHE A 61 -4.10 29.65 7.48
C PHE A 61 -3.16 28.53 7.93
N THR A 62 -3.71 27.33 8.11
CA THR A 62 -2.92 26.23 8.64
C THR A 62 -3.38 24.93 7.99
N TRP A 63 -2.47 23.98 7.88
CA TRP A 63 -2.81 22.63 7.43
C TRP A 63 -3.61 21.89 8.50
N ASP A 64 -4.47 20.98 8.06
CA ASP A 64 -5.16 20.09 9.00
C ASP A 64 -5.61 18.84 8.26
N ALA A 65 -5.05 17.69 8.61
CA ALA A 65 -5.52 16.42 8.04
C ALA A 65 -6.94 16.13 8.55
N LEU A 66 -7.83 15.74 7.64
CA LEU A 66 -9.24 15.57 7.97
C LEU A 66 -9.55 14.10 8.25
N ASP A 67 -9.96 13.81 9.48
CA ASP A 67 -10.41 12.47 9.86
C ASP A 67 -11.88 12.36 9.46
N LEU A 68 -12.13 11.71 8.33
CA LEU A 68 -13.48 11.64 7.80
C LEU A 68 -14.35 10.66 8.56
N GLY A 69 -13.76 9.90 9.50
CA GLY A 69 -14.53 9.13 10.46
C GLY A 69 -15.25 9.99 11.49
N ASP A 70 -14.80 11.22 11.71
CA ASP A 70 -15.52 12.17 12.55
C ASP A 70 -16.68 12.78 11.75
N ARG A 71 -17.91 12.51 12.18
CA ARG A 71 -19.07 12.91 11.39
C ARG A 71 -19.09 14.42 11.16
N GLY A 72 -18.68 15.21 12.15
CA GLY A 72 -18.70 16.66 11.98
C GLY A 72 -17.62 17.16 11.04
N VAL A 73 -16.45 16.53 11.05
CA VAL A 73 -15.41 16.89 10.10
C VAL A 73 -15.84 16.51 8.68
N LEU A 74 -16.42 15.33 8.51
CA LEU A 74 -16.94 14.95 7.21
C LEU A 74 -17.97 15.96 6.72
N LYS A 75 -18.81 16.47 7.63
CA LYS A 75 -19.83 17.43 7.23
C LYS A 75 -19.22 18.77 6.84
N GLU A 76 -18.12 19.18 7.49
CA GLU A 76 -17.41 20.39 7.07
C GLU A 76 -16.88 20.23 5.66
N LEU A 77 -16.34 19.05 5.33
CA LEU A 77 -15.85 18.79 3.98
C LEU A 77 -17.00 18.78 2.99
N TYR A 78 -18.12 18.12 3.35
CA TYR A 78 -19.30 18.18 2.50
C TYR A 78 -19.66 19.61 2.17
N THR A 79 -19.60 20.50 3.16
CA THR A 79 -20.06 21.88 2.99
C THR A 79 -19.07 22.70 2.15
N LEU A 80 -17.77 22.54 2.41
CA LEU A 80 -16.77 23.17 1.55
C LEU A 80 -17.02 22.82 0.08
N LEU A 81 -17.18 21.53 -0.22
CA LEU A 81 -17.38 21.14 -1.62
C LEU A 81 -18.74 21.60 -2.12
N ASN A 82 -19.79 21.44 -1.32
CA ASN A 82 -21.13 21.81 -1.76
C ASN A 82 -21.22 23.29 -2.14
N GLU A 83 -20.44 24.16 -1.51
CA GLU A 83 -20.51 25.58 -1.78
C GLU A 83 -19.42 26.10 -2.71
N ASN A 84 -18.32 25.35 -2.89
CA ASN A 84 -17.13 25.87 -3.56
C ASN A 84 -16.52 24.96 -4.62
N TYR A 85 -17.07 23.77 -4.86
CA TYR A 85 -16.43 22.83 -5.78
C TYR A 85 -16.87 23.12 -7.22
N VAL A 86 -16.78 22.13 -8.11
CA VAL A 86 -16.82 22.35 -9.55
C VAL A 86 -18.22 22.75 -10.01
N GLU A 87 -18.27 23.75 -10.88
CA GLU A 87 -19.51 24.20 -11.49
C GLU A 87 -19.41 24.02 -13.00
N ASP A 88 -20.57 24.04 -13.67
CA ASP A 88 -20.59 24.02 -15.12
C ASP A 88 -20.08 25.35 -15.70
N ASP A 89 -19.96 25.37 -17.02
CA ASP A 89 -19.42 26.53 -17.74
C ASP A 89 -20.16 27.84 -17.43
N ASP A 90 -21.46 27.78 -17.23
CA ASP A 90 -22.28 28.98 -17.08
C ASP A 90 -22.65 29.27 -15.64
N ASN A 91 -22.02 28.60 -14.69
CA ASN A 91 -22.27 28.81 -13.25
C ASN A 91 -23.74 28.63 -12.92
N MET A 92 -24.34 27.57 -13.46
CA MET A 92 -25.73 27.21 -13.21
C MET A 92 -25.90 25.98 -12.32
N PHE A 93 -24.92 25.09 -12.30
CA PHE A 93 -24.98 23.84 -11.56
C PHE A 93 -23.65 23.65 -10.84
N ARG A 94 -23.69 23.06 -9.64
CA ARG A 94 -22.46 22.69 -8.92
C ARG A 94 -22.56 21.26 -8.41
N PHE A 95 -21.46 20.50 -8.49
CA PHE A 95 -21.47 19.15 -7.92
C PHE A 95 -21.88 19.20 -6.46
N ASP A 96 -22.65 18.21 -6.03
CA ASP A 96 -23.11 18.07 -4.64
C ASP A 96 -22.84 16.64 -4.14
N TYR A 97 -21.57 16.27 -4.08
CA TYR A 97 -21.15 14.99 -3.51
C TYR A 97 -21.68 14.83 -2.09
N SER A 98 -22.32 13.68 -1.82
CA SER A 98 -22.89 13.46 -0.50
C SER A 98 -21.79 13.07 0.49
N PRO A 99 -22.04 13.22 1.80
CA PRO A 99 -21.05 12.77 2.79
C PRO A 99 -20.68 11.30 2.66
N GLU A 100 -21.67 10.43 2.44
CA GLU A 100 -21.41 9.00 2.33
C GLU A 100 -20.66 8.66 1.05
N PHE A 101 -20.92 9.40 -0.04
CA PHE A 101 -20.15 9.25 -1.27
C PHE A 101 -18.68 9.63 -1.03
N LEU A 102 -18.46 10.75 -0.34
CA LEU A 102 -17.09 11.16 -0.04
C LEU A 102 -16.35 10.08 0.74
N LEU A 103 -17.03 9.43 1.69
CA LEU A 103 -16.41 8.33 2.42
C LEU A 103 -16.01 7.20 1.48
N TRP A 104 -16.87 6.90 0.50
CA TRP A 104 -16.59 5.86 -0.49
C TRP A 104 -15.38 6.22 -1.34
N ALA A 105 -15.34 7.45 -1.86
CA ALA A 105 -14.26 7.86 -2.76
C ALA A 105 -12.95 8.10 -2.01
N LEU A 106 -13.01 8.45 -0.73
CA LEU A 106 -11.80 8.86 -0.01
C LEU A 106 -11.31 7.81 0.98
N ARG A 107 -12.07 6.74 1.22
CA ARG A 107 -11.52 5.67 2.05
C ARG A 107 -11.53 4.33 1.34
N PRO A 108 -10.97 4.21 0.14
CA PRO A 108 -10.77 2.88 -0.44
C PRO A 108 -9.70 2.14 0.33
N PRO A 109 -9.47 0.86 0.04
CA PRO A 109 -8.36 0.14 0.70
C PRO A 109 -7.03 0.87 0.53
N GLY A 110 -6.27 0.97 1.63
CA GLY A 110 -4.99 1.66 1.60
C GLY A 110 -5.05 3.16 1.82
N TRP A 111 -6.23 3.72 2.08
CA TRP A 111 -6.34 5.16 2.26
C TRP A 111 -5.53 5.62 3.47
N LEU A 112 -5.02 6.85 3.41
CA LEU A 112 -4.20 7.39 4.47
C LEU A 112 -4.79 8.69 4.98
N PRO A 113 -4.82 8.89 6.30
CA PRO A 113 -5.41 10.13 6.82
C PRO A 113 -4.65 11.38 6.41
N GLN A 114 -3.32 11.33 6.36
CA GLN A 114 -2.54 12.50 5.94
C GLN A 114 -2.77 12.86 4.47
N TRP A 115 -3.38 11.97 3.69
CA TRP A 115 -3.67 12.25 2.30
C TRP A 115 -5.02 12.95 2.11
N HIS A 116 -5.74 13.23 3.21
CA HIS A 116 -6.96 14.05 3.19
C HIS A 116 -6.54 15.42 3.70
N CYS A 117 -6.00 16.22 2.79
CA CYS A 117 -5.20 17.38 3.15
C CYS A 117 -6.07 18.64 3.14
N GLY A 118 -6.47 19.11 4.34
CA GLY A 118 -7.27 20.31 4.49
C GLY A 118 -6.47 21.59 4.80
N VAL A 119 -7.10 22.73 4.49
CA VAL A 119 -6.63 24.06 4.91
C VAL A 119 -7.71 24.71 5.78
N ARG A 120 -7.30 25.26 6.92
CA ARG A 120 -8.23 25.92 7.82
C ARG A 120 -7.76 27.33 8.12
N VAL A 121 -8.73 28.21 8.38
CA VAL A 121 -8.44 29.53 8.95
C VAL A 121 -8.00 29.35 10.40
N VAL A 122 -6.88 29.98 10.78
CA VAL A 122 -6.33 29.73 12.12
C VAL A 122 -7.31 30.18 13.21
N SER A 123 -7.88 31.38 13.04
CA SER A 123 -8.74 31.94 14.09
C SER A 123 -10.07 31.21 14.18
N SER A 124 -10.79 31.09 13.06
CA SER A 124 -12.14 30.55 13.09
C SER A 124 -12.22 29.04 12.92
N ARG A 125 -11.15 28.39 12.43
CA ARG A 125 -11.11 26.96 12.09
C ARG A 125 -11.98 26.63 10.88
N LYS A 126 -12.45 27.62 10.14
CA LYS A 126 -13.25 27.35 8.95
C LYS A 126 -12.42 26.57 7.94
N LEU A 127 -12.99 25.53 7.35
CA LEU A 127 -12.32 24.78 6.29
C LEU A 127 -12.43 25.56 4.98
N VAL A 128 -11.29 25.92 4.39
CA VAL A 128 -11.29 26.78 3.21
C VAL A 128 -10.56 26.17 2.03
N GLY A 129 -9.98 24.97 2.18
CA GLY A 129 -9.23 24.36 1.10
C GLY A 129 -9.11 22.87 1.32
N PHE A 130 -8.93 22.14 0.21
CA PHE A 130 -8.85 20.69 0.32
C PHE A 130 -8.21 20.12 -0.95
N ILE A 131 -7.47 19.03 -0.76
CA ILE A 131 -7.04 18.14 -1.84
C ILE A 131 -6.89 16.75 -1.24
N SER A 132 -7.03 15.72 -2.08
CA SER A 132 -6.93 14.35 -1.58
C SER A 132 -6.10 13.48 -2.52
N ALA A 133 -5.51 12.43 -1.94
CA ALA A 133 -4.87 11.35 -2.69
C ALA A 133 -5.36 10.01 -2.15
N ILE A 134 -5.60 9.05 -3.05
CA ILE A 134 -5.83 7.67 -2.66
C ILE A 134 -4.87 6.79 -3.45
N PRO A 135 -4.40 5.69 -2.89
CA PRO A 135 -3.49 4.83 -3.66
C PRO A 135 -4.25 4.07 -4.73
N ALA A 136 -3.57 3.77 -5.83
CA ALA A 136 -4.14 2.95 -6.88
C ALA A 136 -3.00 2.38 -7.69
N ASN A 137 -3.14 1.12 -8.09
CA ASN A 137 -2.23 0.50 -9.03
C ASN A 137 -2.74 0.82 -10.44
N ILE A 138 -1.89 1.40 -11.26
CA ILE A 138 -2.29 1.91 -12.57
C ILE A 138 -1.49 1.17 -13.64
N HIS A 139 -2.19 0.66 -14.65
CA HIS A 139 -1.55 0.04 -15.80
C HIS A 139 -1.53 1.06 -16.94
N ILE A 140 -0.34 1.49 -17.34
CA ILE A 140 -0.19 2.50 -18.38
C ILE A 140 0.70 1.89 -19.46
N TYR A 141 0.11 1.65 -20.64
CA TYR A 141 0.74 0.86 -21.71
C TYR A 141 1.32 -0.43 -21.15
N ASP A 142 2.64 -0.61 -21.21
CA ASP A 142 3.24 -1.87 -20.80
C ASP A 142 3.79 -1.82 -19.38
N THR A 143 3.40 -0.83 -18.59
CA THR A 143 3.94 -0.63 -17.26
C THR A 143 2.80 -0.69 -16.25
N GLU A 144 3.07 -1.32 -15.11
CA GLU A 144 2.18 -1.28 -13.97
C GLU A 144 2.94 -0.61 -12.84
N LYS A 145 2.34 0.43 -12.27
CA LYS A 145 2.97 1.26 -11.25
C LYS A 145 1.96 1.55 -10.16
N LYS A 146 2.41 1.43 -8.92
CA LYS A 146 1.70 2.00 -7.77
C LYS A 146 1.72 3.52 -7.88
N MET A 147 0.55 4.13 -7.96
CA MET A 147 0.37 5.57 -8.08
C MET A 147 -0.60 6.05 -7.02
N VAL A 148 -0.91 7.35 -7.04
CA VAL A 148 -2.08 7.87 -6.36
C VAL A 148 -3.02 8.49 -7.37
N GLU A 149 -4.30 8.51 -7.02
CA GLU A 149 -5.29 9.31 -7.73
C GLU A 149 -5.55 10.56 -6.91
N ILE A 150 -5.46 11.72 -7.56
CA ILE A 150 -5.72 13.00 -6.91
C ILE A 150 -7.13 13.44 -7.28
N ASN A 151 -7.88 13.87 -6.28
CA ASN A 151 -9.26 14.27 -6.49
C ASN A 151 -9.62 15.39 -5.51
N PHE A 152 -10.73 16.08 -5.82
CA PHE A 152 -11.36 17.01 -4.89
C PHE A 152 -10.49 18.22 -4.55
N LEU A 153 -9.68 18.68 -5.49
CA LEU A 153 -8.95 19.92 -5.26
C LEU A 153 -9.95 21.07 -5.20
N CYS A 154 -9.97 21.78 -4.08
CA CYS A 154 -10.98 22.81 -3.84
C CYS A 154 -10.39 23.93 -3.02
N VAL A 155 -10.59 25.16 -3.48
CA VAL A 155 -10.22 26.38 -2.74
C VAL A 155 -11.48 27.22 -2.56
N HIS A 156 -11.73 27.63 -1.32
CA HIS A 156 -12.87 28.49 -1.04
C HIS A 156 -12.89 29.70 -1.96
N LYS A 157 -14.09 30.11 -2.37
CA LYS A 157 -14.22 31.21 -3.33
C LYS A 157 -13.55 32.48 -2.82
N LYS A 158 -13.67 32.78 -1.52
CA LYS A 158 -13.06 33.97 -0.97
C LYS A 158 -11.54 33.90 -0.95
N LEU A 159 -10.96 32.75 -1.30
CA LEU A 159 -9.54 32.52 -1.17
C LEU A 159 -8.87 32.31 -2.51
N ARG A 160 -9.61 32.43 -3.61
CA ARG A 160 -9.05 32.11 -4.91
C ARG A 160 -8.13 33.21 -5.42
N SER A 161 -7.39 32.87 -6.48
CA SER A 161 -6.44 33.77 -7.14
C SER A 161 -5.38 34.30 -6.16
N LYS A 162 -5.13 33.54 -5.10
CA LYS A 162 -4.08 33.84 -4.12
C LYS A 162 -3.03 32.73 -4.09
N ARG A 163 -2.88 32.01 -5.21
CA ARG A 163 -1.99 30.85 -5.41
C ARG A 163 -2.01 29.87 -4.23
N VAL A 164 -3.21 29.58 -3.72
CA VAL A 164 -3.35 28.52 -2.73
C VAL A 164 -3.35 27.14 -3.38
N ALA A 165 -3.98 27.00 -4.56
CA ALA A 165 -4.01 25.70 -5.22
C ALA A 165 -2.62 25.16 -5.51
N PRO A 166 -1.64 25.97 -5.97
CA PRO A 166 -0.28 25.41 -6.14
C PRO A 166 0.33 24.92 -4.85
N VAL A 167 0.00 25.56 -3.72
CA VAL A 167 0.50 25.08 -2.44
C VAL A 167 -0.15 23.75 -2.08
N LEU A 168 -1.46 23.61 -2.32
CA LEU A 168 -2.13 22.34 -2.06
C LEU A 168 -1.54 21.23 -2.90
N ILE A 169 -1.24 21.50 -4.17
CA ILE A 169 -0.65 20.48 -5.03
C ILE A 169 0.73 20.07 -4.52
N ARG A 170 1.56 21.05 -4.15
CA ARG A 170 2.91 20.72 -3.67
C ARG A 170 2.86 19.99 -2.34
N GLU A 171 1.92 20.36 -1.47
CA GLU A 171 1.87 19.72 -0.17
C GLU A 171 1.42 18.26 -0.31
N ILE A 172 0.43 17.98 -1.17
CA ILE A 172 0.02 16.58 -1.33
C ILE A 172 1.11 15.79 -2.02
N THR A 173 1.81 16.41 -2.99
CA THR A 173 2.96 15.77 -3.63
C THR A 173 4.00 15.38 -2.59
N ARG A 174 4.32 16.31 -1.69
CA ARG A 174 5.26 16.04 -0.62
C ARG A 174 4.80 14.86 0.23
N ARG A 175 3.53 14.87 0.64
CA ARG A 175 3.01 13.80 1.49
C ARG A 175 2.95 12.47 0.76
N VAL A 176 2.74 12.50 -0.55
CA VAL A 176 2.77 11.26 -1.33
C VAL A 176 4.21 10.77 -1.51
N HIS A 177 5.14 11.68 -1.80
CA HIS A 177 6.56 11.32 -1.87
C HIS A 177 7.04 10.65 -0.58
N LEU A 178 6.56 11.11 0.58
CA LEU A 178 7.01 10.53 1.84
C LEU A 178 6.65 9.06 1.96
N GLU A 179 5.61 8.61 1.25
CA GLU A 179 5.22 7.21 1.23
C GLU A 179 5.89 6.44 0.11
N GLY A 180 6.83 7.06 -0.60
CA GLY A 180 7.58 6.35 -1.62
C GLY A 180 6.86 6.21 -2.95
N ILE A 181 5.90 7.09 -3.24
CA ILE A 181 5.17 7.04 -4.51
C ILE A 181 5.53 8.29 -5.29
N PHE A 182 5.78 8.13 -6.59
CA PHE A 182 6.32 9.22 -7.40
C PHE A 182 5.54 9.50 -8.67
N GLN A 183 4.41 8.81 -8.91
CA GLN A 183 3.54 9.10 -10.03
C GLN A 183 2.12 9.27 -9.52
N ALA A 184 1.30 10.01 -10.28
CA ALA A 184 -0.11 10.18 -9.95
C ALA A 184 -0.93 10.27 -11.22
N VAL A 185 -2.21 9.95 -11.10
CA VAL A 185 -3.16 10.11 -12.17
C VAL A 185 -4.29 10.99 -11.66
N TYR A 186 -4.84 11.83 -12.55
CA TYR A 186 -5.89 12.78 -12.19
C TYR A 186 -6.57 13.26 -13.47
N THR A 187 -7.77 13.79 -13.31
CA THR A 187 -8.51 14.41 -14.40
C THR A 187 -8.77 15.88 -14.07
N ALA A 188 -9.19 16.63 -15.08
CA ALA A 188 -9.61 18.02 -14.93
C ALA A 188 -10.41 18.44 -16.16
N GLY A 189 -11.37 19.32 -15.92
CA GLY A 189 -12.09 20.00 -16.97
C GLY A 189 -11.35 21.13 -17.65
N VAL A 190 -10.12 21.42 -17.23
CA VAL A 190 -9.30 22.44 -17.88
C VAL A 190 -8.15 21.74 -18.57
N VAL A 191 -7.55 22.44 -19.53
CA VAL A 191 -6.34 21.95 -20.19
C VAL A 191 -5.14 22.40 -19.38
N LEU A 192 -4.27 21.45 -19.05
CA LEU A 192 -3.02 21.66 -18.35
C LEU A 192 -1.95 20.89 -19.09
N PRO A 193 -0.68 21.21 -18.86
CA PRO A 193 0.40 20.33 -19.34
C PRO A 193 0.38 19.04 -18.53
N LYS A 194 0.21 17.88 -19.19
CA LYS A 194 -0.19 17.71 -20.58
C LYS A 194 -1.11 16.48 -20.63
N PRO A 195 -2.27 16.58 -21.29
CA PRO A 195 -3.22 15.47 -21.24
C PRO A 195 -2.65 14.23 -21.90
N VAL A 196 -2.86 13.08 -21.25
CA VAL A 196 -2.58 11.81 -21.90
C VAL A 196 -3.78 11.36 -22.74
N GLY A 197 -4.94 11.94 -22.51
CA GLY A 197 -6.13 11.60 -23.27
C GLY A 197 -7.22 12.60 -22.98
N THR A 198 -8.11 12.82 -23.93
CA THR A 198 -9.21 13.75 -23.77
C THR A 198 -10.50 13.01 -24.01
N CYS A 199 -11.36 12.98 -23.00
CA CYS A 199 -12.66 12.34 -23.10
C CYS A 199 -13.76 13.40 -23.10
N ARG A 200 -14.88 13.06 -23.72
CA ARG A 200 -16.03 13.95 -23.82
C ARG A 200 -17.20 13.32 -23.07
N TYR A 201 -17.89 14.13 -22.28
CA TYR A 201 -19.09 13.68 -21.61
C TYR A 201 -20.28 13.72 -22.57
N TRP A 202 -21.12 12.69 -22.47
CA TRP A 202 -22.39 12.60 -23.17
C TRP A 202 -23.50 12.41 -22.13
N HIS A 203 -24.71 12.85 -22.48
CA HIS A 203 -25.82 12.91 -21.54
C HIS A 203 -27.06 12.27 -22.16
N ARG A 204 -27.73 11.43 -21.37
CA ARG A 204 -28.93 10.74 -21.82
C ARG A 204 -30.06 11.19 -20.91
N SER A 205 -30.98 12.00 -21.46
CA SER A 205 -32.08 12.51 -20.67
C SER A 205 -32.95 11.36 -20.18
N LEU A 206 -33.33 11.43 -18.93
CA LEU A 206 -34.27 10.47 -18.35
C LEU A 206 -35.55 11.12 -17.92
N ASN A 207 -35.50 12.37 -17.45
N ASN A 207 -35.50 12.35 -17.40
CA ASN A 207 -36.65 13.17 -17.05
CA ASN A 207 -36.68 13.15 -17.06
C ASN A 207 -36.57 14.48 -17.83
C ASN A 207 -36.55 14.46 -17.83
N PRO A 208 -36.83 14.43 -19.14
CA PRO A 208 -36.52 15.61 -19.99
C PRO A 208 -37.30 16.86 -19.65
N ARG A 209 -38.49 16.74 -19.04
CA ARG A 209 -39.22 17.95 -18.66
C ARG A 209 -38.47 18.71 -17.57
N LYS A 210 -38.01 18.02 -16.52
CA LYS A 210 -37.21 18.70 -15.50
C LYS A 210 -35.92 19.27 -16.08
N LEU A 211 -35.22 18.50 -16.94
CA LEU A 211 -33.96 18.97 -17.50
C LEU A 211 -34.16 20.26 -18.29
N ILE A 212 -35.27 20.35 -19.01
CA ILE A 212 -35.54 21.52 -19.85
C ILE A 212 -35.97 22.70 -18.98
N GLU A 213 -36.78 22.43 -17.95
CA GLU A 213 -37.25 23.50 -17.06
C GLU A 213 -36.08 24.16 -16.34
N VAL A 214 -35.08 23.37 -15.91
CA VAL A 214 -33.95 23.94 -15.18
C VAL A 214 -32.83 24.36 -16.11
N LYS A 215 -33.03 24.23 -17.43
CA LYS A 215 -32.06 24.66 -18.44
C LYS A 215 -30.76 23.85 -18.37
N PHE A 216 -30.85 22.62 -17.88
CA PHE A 216 -29.76 21.68 -18.12
C PHE A 216 -29.68 21.33 -19.60
N SER A 217 -30.83 21.03 -20.20
CA SER A 217 -30.95 20.81 -21.64
C SER A 217 -31.93 21.83 -22.23
N HIS A 218 -31.90 21.94 -23.55
CA HIS A 218 -32.74 22.89 -24.26
C HIS A 218 -33.60 22.16 -25.27
N LEU A 219 -34.86 22.55 -25.34
CA LEU A 219 -35.76 22.04 -26.37
C LEU A 219 -35.33 22.62 -27.71
N SER A 220 -35.03 21.77 -28.67
CA SER A 220 -34.68 22.26 -30.00
C SER A 220 -35.87 22.95 -30.66
N ARG A 221 -35.58 23.92 -31.52
CA ARG A 221 -36.64 24.68 -32.20
C ARG A 221 -37.51 23.78 -33.08
N ASN A 222 -36.96 22.68 -33.58
CA ASN A 222 -37.65 21.75 -34.45
C ASN A 222 -38.27 20.57 -33.71
N MET A 223 -38.36 20.65 -32.38
CA MET A 223 -38.93 19.58 -31.56
C MET A 223 -39.84 20.17 -30.49
N THR A 224 -41.01 19.59 -30.34
CA THR A 224 -41.93 19.96 -29.27
C THR A 224 -41.59 19.18 -28.00
N MET A 225 -42.09 19.69 -26.87
CA MET A 225 -41.98 18.96 -25.61
C MET A 225 -42.58 17.57 -25.74
N GLN A 226 -43.71 17.44 -26.43
CA GLN A 226 -44.37 16.14 -26.57
C GLN A 226 -43.49 15.17 -27.35
N ARG A 227 -42.85 15.62 -28.42
CA ARG A 227 -41.95 14.72 -29.14
C ARG A 227 -40.72 14.38 -28.30
N THR A 228 -40.23 15.35 -27.52
CA THR A 228 -39.09 15.10 -26.64
C THR A 228 -39.40 14.01 -25.62
N MET A 229 -40.59 14.07 -25.01
CA MET A 229 -41.03 13.01 -24.10
C MET A 229 -40.99 11.65 -24.78
N LYS A 230 -41.53 11.56 -26.00
CA LYS A 230 -41.62 10.27 -26.68
C LYS A 230 -40.23 9.78 -27.08
N LEU A 231 -39.36 10.70 -27.51
CA LEU A 231 -38.02 10.33 -27.94
C LEU A 231 -37.25 9.63 -26.82
N TYR A 232 -37.47 10.01 -25.58
CA TYR A 232 -36.65 9.55 -24.47
C TYR A 232 -37.34 8.50 -23.61
N ARG A 233 -38.58 8.15 -23.91
CA ARG A 233 -39.29 7.16 -23.13
C ARG A 233 -38.52 5.84 -23.15
N LEU A 234 -38.60 5.12 -22.04
CA LEU A 234 -37.88 3.87 -21.84
C LEU A 234 -38.87 2.80 -21.41
N PRO A 235 -38.52 1.53 -21.53
CA PRO A 235 -39.34 0.47 -20.92
C PRO A 235 -39.41 0.62 -19.41
N GLU A 236 -40.37 -0.09 -18.80
CA GLU A 236 -40.55 -0.04 -17.35
C GLU A 236 -39.58 -0.96 -16.60
N THR A 237 -39.16 -2.06 -17.23
CA THR A 237 -38.25 -3.00 -16.61
C THR A 237 -37.18 -3.38 -17.64
N PRO A 238 -36.00 -3.77 -17.18
CA PRO A 238 -34.93 -4.15 -18.11
C PRO A 238 -35.28 -5.42 -18.87
N LYS A 239 -34.59 -5.63 -19.98
CA LYS A 239 -34.87 -6.79 -20.81
C LYS A 239 -33.91 -7.96 -20.58
N THR A 240 -32.70 -7.73 -20.07
CA THR A 240 -31.70 -8.80 -20.02
C THR A 240 -32.12 -9.89 -19.03
N ALA A 241 -32.10 -11.13 -19.52
CA ALA A 241 -32.33 -12.29 -18.69
C ALA A 241 -31.30 -12.40 -17.58
N GLY A 242 -31.76 -12.54 -16.35
CA GLY A 242 -30.87 -12.84 -15.25
C GLY A 242 -30.15 -11.66 -14.66
N LEU A 243 -30.53 -10.43 -15.04
CA LEU A 243 -29.97 -9.23 -14.43
C LEU A 243 -30.46 -9.10 -12.99
N ARG A 244 -29.54 -8.78 -12.07
CA ARG A 244 -29.88 -8.66 -10.66
C ARG A 244 -28.77 -7.86 -9.98
N PRO A 245 -29.03 -7.31 -8.79
CA PRO A 245 -27.98 -6.53 -8.11
C PRO A 245 -26.82 -7.43 -7.73
N MET A 246 -25.62 -6.86 -7.77
CA MET A 246 -24.43 -7.58 -7.31
C MET A 246 -24.56 -7.94 -5.83
N GLU A 247 -24.11 -9.14 -5.48
CA GLU A 247 -24.08 -9.63 -4.10
C GLU A 247 -22.66 -10.02 -3.71
N THR A 248 -22.48 -10.32 -2.42
CA THR A 248 -21.15 -10.69 -1.91
C THR A 248 -20.57 -11.88 -2.68
N LYS A 249 -21.41 -12.86 -3.02
CA LYS A 249 -20.91 -14.03 -3.73
C LYS A 249 -20.37 -13.70 -5.12
N ASP A 250 -20.71 -12.55 -5.69
CA ASP A 250 -20.25 -12.22 -7.03
C ASP A 250 -18.91 -11.49 -7.05
N ILE A 251 -18.35 -11.15 -5.88
CA ILE A 251 -17.13 -10.33 -5.87
C ILE A 251 -16.00 -10.99 -6.67
N PRO A 252 -15.70 -12.29 -6.51
CA PRO A 252 -14.60 -12.87 -7.30
C PRO A 252 -14.85 -12.85 -8.80
N VAL A 253 -16.05 -13.22 -9.24
CA VAL A 253 -16.28 -13.24 -10.67
C VAL A 253 -16.31 -11.83 -11.24
N VAL A 254 -16.84 -10.84 -10.49
CA VAL A 254 -16.78 -9.47 -10.98
C VAL A 254 -15.32 -9.03 -11.09
N HIS A 255 -14.50 -9.35 -10.10
CA HIS A 255 -13.07 -9.08 -10.19
C HIS A 255 -12.46 -9.71 -11.44
N GLN A 256 -12.79 -10.99 -11.68
CA GLN A 256 -12.22 -11.70 -12.83
C GLN A 256 -12.64 -11.07 -14.15
N LEU A 257 -13.95 -10.83 -14.30
CA LEU A 257 -14.46 -10.22 -15.54
C LEU A 257 -13.80 -8.88 -15.80
N LEU A 258 -13.73 -8.03 -14.77
CA LEU A 258 -13.17 -6.69 -14.96
C LEU A 258 -11.70 -6.77 -15.39
N THR A 259 -10.90 -7.56 -14.66
CA THR A 259 -9.48 -7.72 -14.99
C THR A 259 -9.27 -8.10 -16.45
N ARG A 260 -10.00 -9.12 -16.92
CA ARG A 260 -9.82 -9.58 -18.29
C ARG A 260 -10.31 -8.54 -19.29
N TYR A 261 -11.43 -7.88 -18.98
CA TYR A 261 -11.98 -6.90 -19.91
C TYR A 261 -11.06 -5.69 -20.08
N LEU A 262 -10.40 -5.24 -19.00
CA LEU A 262 -9.61 -4.02 -19.06
C LEU A 262 -8.31 -4.19 -19.83
N LYS A 263 -7.87 -5.42 -20.09
CA LYS A 263 -6.57 -5.63 -20.72
C LYS A 263 -6.51 -5.00 -22.11
N GLN A 264 -7.64 -4.80 -22.77
CA GLN A 264 -7.64 -4.22 -24.10
C GLN A 264 -7.43 -2.71 -24.13
N PHE A 265 -7.41 -2.01 -22.98
CA PHE A 265 -7.20 -0.56 -22.95
C PHE A 265 -5.79 -0.26 -22.47
N HIS A 266 -5.36 0.99 -22.66
N HIS A 266 -5.36 1.00 -22.67
CA HIS A 266 -3.98 1.37 -22.39
CA HIS A 266 -3.99 1.38 -22.40
C HIS A 266 -3.79 2.16 -21.10
C HIS A 266 -3.80 2.11 -21.07
N LEU A 267 -4.86 2.65 -20.49
CA LEU A 267 -4.80 3.28 -19.17
C LEU A 267 -5.95 2.72 -18.34
N THR A 268 -5.63 1.90 -17.33
CA THR A 268 -6.61 1.14 -16.56
C THR A 268 -6.17 1.00 -15.11
N PRO A 269 -7.12 0.86 -14.18
CA PRO A 269 -6.78 0.42 -12.82
C PRO A 269 -6.47 -1.07 -12.77
N VAL A 270 -5.64 -1.45 -11.80
CA VAL A 270 -5.38 -2.84 -11.48
C VAL A 270 -5.89 -3.04 -10.06
N MET A 271 -7.04 -3.69 -9.92
CA MET A 271 -7.74 -3.77 -8.65
C MET A 271 -7.53 -5.14 -8.01
N SER A 272 -7.20 -5.14 -6.72
CA SER A 272 -7.29 -6.34 -5.88
C SER A 272 -8.76 -6.74 -5.71
N GLN A 273 -8.97 -7.94 -5.16
CA GLN A 273 -10.35 -8.37 -4.91
C GLN A 273 -11.02 -7.51 -3.85
N GLU A 274 -10.25 -7.01 -2.87
CA GLU A 274 -10.84 -6.10 -1.88
C GLU A 274 -11.21 -4.77 -2.50
N GLU A 275 -10.41 -4.27 -3.44
CA GLU A 275 -10.76 -3.03 -4.12
C GLU A 275 -11.99 -3.22 -4.99
N VAL A 276 -12.13 -4.39 -5.63
CA VAL A 276 -13.36 -4.67 -6.37
C VAL A 276 -14.55 -4.61 -5.45
N GLU A 277 -14.46 -5.23 -4.27
CA GLU A 277 -15.56 -5.12 -3.33
C GLU A 277 -15.86 -3.67 -3.00
N HIS A 278 -14.82 -2.88 -2.69
CA HIS A 278 -15.05 -1.49 -2.31
C HIS A 278 -15.74 -0.72 -3.44
N TRP A 279 -15.22 -0.83 -4.66
CA TRP A 279 -15.69 0.05 -5.72
C TRP A 279 -17.02 -0.39 -6.32
N PHE A 280 -17.42 -1.66 -6.19
CA PHE A 280 -18.61 -2.15 -6.89
C PHE A 280 -19.73 -2.66 -6.01
N TYR A 281 -19.45 -3.08 -4.77
CA TYR A 281 -20.52 -3.60 -3.94
C TYR A 281 -21.57 -2.51 -3.73
N PRO A 282 -22.84 -2.77 -4.05
CA PRO A 282 -23.81 -1.68 -4.11
C PRO A 282 -24.01 -1.00 -2.76
N GLN A 283 -24.05 0.33 -2.80
CA GLN A 283 -24.40 1.16 -1.67
C GLN A 283 -25.44 2.15 -2.17
N GLU A 284 -26.61 2.15 -1.53
CA GLU A 284 -27.72 2.96 -2.02
C GLU A 284 -27.30 4.42 -2.09
N ASN A 285 -27.62 5.07 -3.21
CA ASN A 285 -27.31 6.46 -3.48
C ASN A 285 -25.81 6.74 -3.60
N ILE A 286 -25.01 5.70 -3.83
CA ILE A 286 -23.59 5.92 -4.05
C ILE A 286 -23.17 5.20 -5.32
N ILE A 287 -23.34 3.88 -5.32
CA ILE A 287 -22.82 3.03 -6.39
C ILE A 287 -23.81 1.89 -6.59
N ASP A 288 -24.19 1.66 -7.84
CA ASP A 288 -25.05 0.55 -8.23
C ASP A 288 -24.29 -0.37 -9.16
N THR A 289 -24.36 -1.67 -8.90
CA THR A 289 -23.79 -2.69 -9.77
C THR A 289 -24.82 -3.80 -9.98
N PHE A 290 -25.08 -4.14 -11.23
CA PHE A 290 -25.97 -5.25 -11.55
C PHE A 290 -25.19 -6.27 -12.37
N VAL A 291 -25.36 -7.55 -12.04
CA VAL A 291 -24.69 -8.63 -12.75
C VAL A 291 -25.75 -9.36 -13.56
N VAL A 292 -25.30 -10.01 -14.64
CA VAL A 292 -26.14 -10.90 -15.43
C VAL A 292 -25.76 -12.33 -15.05
N GLU A 293 -26.66 -13.02 -14.36
CA GLU A 293 -26.49 -14.43 -14.03
C GLU A 293 -27.33 -15.27 -14.99
N ASN A 294 -26.66 -16.10 -15.79
CA ASN A 294 -27.33 -16.78 -16.89
C ASN A 294 -28.07 -18.05 -16.40
N ALA A 295 -28.62 -18.80 -17.36
CA ALA A 295 -29.40 -20.00 -17.10
C ALA A 295 -28.58 -21.11 -16.44
N ASN A 296 -27.24 -21.06 -16.55
CA ASN A 296 -26.36 -22.02 -15.88
C ASN A 296 -25.95 -21.56 -14.49
N GLY A 297 -26.34 -20.37 -14.08
CA GLY A 297 -25.90 -19.80 -12.82
C GLY A 297 -24.57 -19.09 -12.88
N GLU A 298 -24.08 -18.77 -14.07
N GLU A 298 -24.07 -18.79 -14.07
CA GLU A 298 -22.77 -18.16 -14.24
CA GLU A 298 -22.79 -18.14 -14.27
C GLU A 298 -22.92 -16.67 -14.56
C GLU A 298 -23.00 -16.65 -14.48
N VAL A 299 -22.13 -15.84 -13.88
CA VAL A 299 -22.17 -14.40 -14.09
C VAL A 299 -21.29 -14.06 -15.28
N THR A 300 -21.89 -13.45 -16.31
CA THR A 300 -21.20 -13.23 -17.57
C THR A 300 -21.00 -11.75 -17.90
N ASP A 301 -21.76 -10.85 -17.27
CA ASP A 301 -21.65 -9.44 -17.59
C ASP A 301 -21.96 -8.66 -16.33
N PHE A 302 -21.55 -7.39 -16.29
CA PHE A 302 -22.09 -6.51 -15.27
C PHE A 302 -22.05 -5.07 -15.77
N LEU A 303 -22.91 -4.26 -15.16
CA LEU A 303 -22.97 -2.82 -15.38
C LEU A 303 -22.91 -2.13 -14.03
N SER A 304 -22.37 -0.91 -14.02
CA SER A 304 -22.32 -0.13 -12.79
C SER A 304 -22.41 1.35 -13.13
N PHE A 305 -22.97 2.12 -12.20
CA PHE A 305 -23.01 3.57 -12.32
C PHE A 305 -23.05 4.17 -10.93
N TYR A 306 -22.38 5.31 -10.73
CA TYR A 306 -22.41 5.95 -9.43
C TYR A 306 -23.34 7.17 -9.40
N THR A 307 -23.70 7.57 -8.19
CA THR A 307 -24.69 8.63 -7.95
C THR A 307 -23.98 9.91 -7.63
N LEU A 308 -24.18 10.94 -8.45
CA LEU A 308 -23.55 12.24 -8.22
C LEU A 308 -24.56 13.33 -8.53
N PRO A 309 -25.31 13.79 -7.55
CA PRO A 309 -26.26 14.87 -7.77
C PRO A 309 -25.54 16.22 -7.85
N SER A 310 -26.29 17.24 -8.25
CA SER A 310 -25.75 18.58 -8.34
C SER A 310 -26.77 19.59 -7.84
N THR A 311 -26.26 20.69 -7.30
CA THR A 311 -27.08 21.81 -6.89
C THR A 311 -27.48 22.65 -8.10
N ILE A 312 -28.75 23.02 -8.18
CA ILE A 312 -29.21 23.98 -9.19
C ILE A 312 -29.21 25.36 -8.54
N MET A 313 -28.29 26.22 -8.97
CA MET A 313 -28.07 27.47 -8.25
C MET A 313 -29.09 28.52 -8.64
N ASN A 314 -29.51 29.29 -7.64
CA ASN A 314 -30.37 30.46 -7.87
C ASN A 314 -31.69 30.09 -8.52
N HIS A 315 -32.23 28.91 -8.23
CA HIS A 315 -33.49 28.53 -8.85
C HIS A 315 -34.57 28.37 -7.78
N PRO A 316 -35.73 29.03 -7.95
CA PRO A 316 -36.72 29.05 -6.85
C PRO A 316 -37.39 27.71 -6.58
N THR A 317 -37.63 26.89 -7.59
CA THR A 317 -38.43 25.68 -7.39
C THR A 317 -37.58 24.42 -7.36
N HIS A 318 -36.81 24.16 -8.42
CA HIS A 318 -36.00 22.95 -8.53
C HIS A 318 -34.62 23.21 -7.95
N LYS A 319 -34.25 22.43 -6.93
CA LYS A 319 -33.02 22.68 -6.17
C LYS A 319 -31.88 21.73 -6.50
N SER A 320 -32.17 20.54 -7.05
CA SER A 320 -31.12 19.58 -7.27
C SER A 320 -31.40 18.77 -8.54
N LEU A 321 -30.33 18.30 -9.16
CA LEU A 321 -30.40 17.40 -10.29
C LEU A 321 -29.72 16.09 -9.90
N LYS A 322 -30.43 14.97 -10.07
N LYS A 322 -30.43 14.97 -10.11
CA LYS A 322 -29.91 13.65 -9.74
CA LYS A 322 -29.94 13.63 -9.75
C LYS A 322 -29.29 13.03 -10.98
C LYS A 322 -29.31 13.00 -10.99
N ALA A 323 -27.98 12.83 -10.97
CA ALA A 323 -27.25 12.31 -12.12
C ALA A 323 -26.63 10.96 -11.80
N ALA A 324 -26.76 10.01 -12.74
CA ALA A 324 -26.04 8.75 -12.72
C ALA A 324 -24.84 8.85 -13.65
N TYR A 325 -23.69 8.34 -13.22
CA TYR A 325 -22.47 8.35 -14.03
C TYR A 325 -22.05 6.92 -14.34
N SER A 326 -21.97 6.60 -15.62
CA SER A 326 -21.43 5.32 -16.08
C SER A 326 -20.08 5.06 -15.42
N PHE A 327 -19.92 3.86 -14.84
CA PHE A 327 -18.71 3.52 -14.12
C PHE A 327 -17.97 2.51 -14.97
N TYR A 328 -18.00 1.22 -14.65
CA TYR A 328 -17.42 0.22 -15.52
C TYR A 328 -18.50 -0.75 -15.96
N ASN A 329 -18.50 -1.10 -17.25
CA ASN A 329 -19.48 -1.99 -17.83
C ASN A 329 -18.73 -3.08 -18.59
N VAL A 330 -18.92 -4.32 -18.19
CA VAL A 330 -18.19 -5.44 -18.77
C VAL A 330 -19.18 -6.37 -19.44
N HIS A 331 -18.95 -6.65 -20.71
CA HIS A 331 -19.80 -7.58 -21.46
C HIS A 331 -18.94 -8.73 -21.97
N THR A 332 -19.42 -9.96 -21.75
CA THR A 332 -18.89 -11.14 -22.44
C THR A 332 -19.95 -11.99 -23.14
N GLN A 333 -21.23 -11.90 -22.76
CA GLN A 333 -22.26 -12.70 -23.43
C GLN A 333 -23.42 -11.84 -23.87
N THR A 334 -23.72 -10.80 -23.13
CA THR A 334 -24.73 -9.79 -23.42
C THR A 334 -24.12 -8.67 -24.26
N PRO A 335 -24.79 -8.22 -25.33
CA PRO A 335 -24.27 -7.07 -26.08
C PRO A 335 -24.20 -5.85 -25.18
N LEU A 336 -23.13 -5.07 -25.36
CA LEU A 336 -22.96 -3.84 -24.58
C LEU A 336 -24.16 -2.92 -24.74
N LEU A 337 -24.75 -2.88 -25.93
CA LEU A 337 -25.91 -2.02 -26.18
C LEU A 337 -27.11 -2.42 -25.31
N ASP A 338 -27.39 -3.73 -25.21
CA ASP A 338 -28.46 -4.20 -24.33
C ASP A 338 -28.14 -3.91 -22.87
N LEU A 339 -26.88 -4.10 -22.49
CA LEU A 339 -26.45 -3.83 -21.12
C LEU A 339 -26.71 -2.38 -20.74
N MET A 340 -26.32 -1.45 -21.62
CA MET A 340 -26.46 -0.03 -21.30
C MET A 340 -27.91 0.40 -21.37
N SER A 341 -28.67 -0.18 -22.30
CA SER A 341 -30.10 0.05 -22.33
C SER A 341 -30.75 -0.31 -21.00
N ASP A 342 -30.36 -1.44 -20.42
CA ASP A 342 -30.90 -1.79 -19.11
C ASP A 342 -30.38 -0.86 -18.02
N ALA A 343 -29.15 -0.36 -18.14
CA ALA A 343 -28.66 0.64 -17.20
C ALA A 343 -29.53 1.89 -17.20
N LEU A 344 -29.91 2.36 -18.39
CA LEU A 344 -30.82 3.49 -18.51
C LEU A 344 -32.14 3.21 -17.81
N VAL A 345 -32.71 2.02 -18.02
CA VAL A 345 -33.98 1.68 -17.39
C VAL A 345 -33.84 1.66 -15.87
N LEU A 346 -32.75 1.06 -15.38
CA LEU A 346 -32.53 0.99 -13.95
C LEU A 346 -32.35 2.38 -13.34
N ALA A 347 -31.58 3.25 -14.01
CA ALA A 347 -31.42 4.62 -13.51
C ALA A 347 -32.75 5.36 -13.50
N LYS A 348 -33.53 5.23 -14.57
CA LYS A 348 -34.84 5.86 -14.59
C LYS A 348 -35.70 5.35 -13.44
N MET A 349 -35.71 4.03 -13.25
CA MET A 349 -36.44 3.41 -12.15
C MET A 349 -36.03 3.96 -10.79
N LYS A 350 -34.75 4.32 -10.63
CA LYS A 350 -34.26 4.77 -9.33
C LYS A 350 -34.40 6.28 -9.14
N GLY A 351 -35.06 6.99 -10.04
CA GLY A 351 -35.31 8.40 -9.83
C GLY A 351 -34.26 9.35 -10.38
N PHE A 352 -33.34 8.88 -11.22
CA PHE A 352 -32.33 9.76 -11.79
C PHE A 352 -32.94 10.62 -12.89
N ASP A 353 -32.43 11.85 -13.02
CA ASP A 353 -32.92 12.77 -14.04
C ASP A 353 -32.12 12.67 -15.33
N VAL A 354 -30.87 12.26 -15.25
CA VAL A 354 -29.99 12.16 -16.41
C VAL A 354 -28.98 11.05 -16.15
N PHE A 355 -28.52 10.43 -17.24
CA PHE A 355 -27.49 9.40 -17.19
C PHE A 355 -26.32 9.89 -18.01
N ASN A 356 -25.17 10.08 -17.36
CA ASN A 356 -23.98 10.57 -18.04
C ASN A 356 -22.98 9.45 -18.30
N ALA A 357 -22.23 9.60 -19.38
CA ALA A 357 -21.19 8.63 -19.73
C ALA A 357 -20.15 9.34 -20.57
N LEU A 358 -18.90 8.92 -20.44
CA LEU A 358 -17.81 9.46 -21.24
C LEU A 358 -17.70 8.68 -22.55
N ASP A 359 -16.91 9.21 -23.49
CA ASP A 359 -16.68 8.50 -24.74
C ASP A 359 -15.48 7.57 -24.68
N LEU A 360 -15.09 7.13 -23.48
CA LEU A 360 -13.94 6.25 -23.35
C LEU A 360 -14.38 4.80 -23.49
N MET A 361 -13.42 3.89 -23.28
CA MET A 361 -13.59 2.47 -23.51
C MET A 361 -14.39 2.25 -24.81
N GLU A 362 -15.41 1.41 -24.80
CA GLU A 362 -16.19 1.17 -26.02
C GLU A 362 -17.49 1.97 -26.02
N ASN A 363 -17.55 3.06 -25.28
CA ASN A 363 -18.83 3.74 -25.09
C ASN A 363 -19.34 4.34 -26.39
N LYS A 364 -18.43 4.71 -27.31
CA LYS A 364 -18.87 5.26 -28.59
C LYS A 364 -19.72 4.28 -29.40
N THR A 365 -19.60 2.97 -29.15
CA THR A 365 -20.46 2.01 -29.84
C THR A 365 -21.93 2.14 -29.45
N PHE A 366 -22.27 2.74 -28.30
CA PHE A 366 -23.68 2.84 -27.95
C PHE A 366 -24.21 4.25 -27.75
N LEU A 367 -23.36 5.28 -27.71
CA LEU A 367 -23.82 6.60 -27.27
C LEU A 367 -24.91 7.15 -28.18
N GLU A 368 -24.66 7.19 -29.49
CA GLU A 368 -25.65 7.75 -30.41
C GLU A 368 -26.90 6.87 -30.49
N LYS A 369 -26.72 5.54 -30.49
CA LYS A 369 -27.85 4.63 -30.63
C LYS A 369 -28.81 4.74 -29.44
N LEU A 370 -28.29 4.94 -28.24
CA LEU A 370 -29.14 5.03 -27.07
C LEU A 370 -29.59 6.46 -26.78
N LYS A 371 -29.37 7.38 -27.73
CA LYS A 371 -29.90 8.74 -27.70
C LYS A 371 -29.22 9.63 -26.66
N PHE A 372 -27.95 9.36 -26.36
CA PHE A 372 -27.13 10.35 -25.67
C PHE A 372 -26.88 11.54 -26.59
N GLY A 373 -26.80 12.74 -26.00
CA GLY A 373 -26.36 13.93 -26.70
C GLY A 373 -25.00 14.36 -26.18
N ILE A 374 -24.18 14.92 -27.08
CA ILE A 374 -22.82 15.30 -26.72
C ILE A 374 -22.86 16.50 -25.78
N GLY A 375 -21.96 16.50 -24.79
CA GLY A 375 -21.94 17.56 -23.80
C GLY A 375 -20.95 18.65 -24.14
N ASP A 376 -20.99 19.71 -23.34
CA ASP A 376 -20.06 20.82 -23.51
C ASP A 376 -18.79 20.67 -22.70
N GLY A 377 -18.62 19.55 -21.99
CA GLY A 377 -17.47 19.39 -21.12
C GLY A 377 -16.52 18.29 -21.55
N ASN A 378 -15.24 18.64 -21.74
CA ASN A 378 -14.19 17.66 -21.88
C ASN A 378 -13.64 17.30 -20.50
N LEU A 379 -13.27 16.03 -20.35
CA LEU A 379 -12.54 15.56 -19.19
C LEU A 379 -11.15 15.12 -19.66
N GLN A 380 -10.14 15.92 -19.35
CA GLN A 380 -8.75 15.58 -19.66
C GLN A 380 -8.20 14.61 -18.63
N TYR A 381 -7.43 13.62 -19.09
CA TYR A 381 -6.71 12.69 -18.22
C TYR A 381 -5.23 13.05 -18.20
N TYR A 382 -4.64 13.01 -17.01
CA TYR A 382 -3.25 13.40 -16.82
C TYR A 382 -2.50 12.37 -15.98
N LEU A 383 -1.20 12.30 -16.21
CA LEU A 383 -0.28 11.56 -15.38
C LEU A 383 0.79 12.52 -14.90
N TYR A 384 1.21 12.38 -13.65
CA TYR A 384 2.27 13.20 -13.07
C TYR A 384 3.54 12.38 -13.06
N ASN A 385 4.61 12.96 -13.59
CA ASN A 385 5.94 12.33 -13.57
C ASN A 385 5.96 11.02 -14.34
N TRP A 386 5.22 10.98 -15.45
CA TRP A 386 5.28 9.83 -16.36
C TRP A 386 5.13 10.32 -17.79
N LYS A 387 6.14 10.05 -18.62
CA LYS A 387 6.11 10.39 -20.03
C LYS A 387 5.60 9.19 -20.81
N CYS A 388 4.61 9.42 -21.66
CA CYS A 388 4.15 8.37 -22.55
C CYS A 388 3.33 9.02 -23.65
N PRO A 389 3.15 8.36 -24.79
CA PRO A 389 2.33 8.94 -25.86
C PRO A 389 0.87 9.06 -25.43
N SER A 390 0.20 10.07 -25.98
CA SER A 390 -1.22 10.21 -25.75
C SER A 390 -2.00 9.13 -26.49
N MET A 391 -3.26 8.96 -26.09
CA MET A 391 -4.08 7.89 -26.60
C MET A 391 -5.46 8.44 -26.88
N GLY A 392 -6.18 7.79 -27.79
CA GLY A 392 -7.54 8.16 -28.05
C GLY A 392 -8.44 7.78 -26.90
N ALA A 393 -9.60 8.46 -26.82
CA ALA A 393 -10.53 8.22 -25.73
C ALA A 393 -10.88 6.74 -25.60
N GLU A 394 -10.96 6.02 -26.72
CA GLU A 394 -11.41 4.64 -26.69
C GLU A 394 -10.36 3.70 -26.08
N LYS A 395 -9.13 4.17 -25.83
CA LYS A 395 -8.15 3.36 -25.12
C LYS A 395 -8.00 3.75 -23.66
N VAL A 396 -8.74 4.76 -23.21
CA VAL A 396 -8.75 5.11 -21.79
C VAL A 396 -9.72 4.16 -21.10
N GLY A 397 -9.24 3.41 -20.11
CA GLY A 397 -10.07 2.45 -19.40
C GLY A 397 -10.11 2.71 -17.91
N LEU A 398 -10.27 3.98 -17.53
CA LEU A 398 -10.16 4.42 -16.15
C LEU A 398 -11.24 5.45 -15.88
N VAL A 399 -12.07 5.20 -14.86
CA VAL A 399 -13.13 6.12 -14.46
C VAL A 399 -12.89 6.49 -13.00
N LEU A 400 -12.80 7.79 -12.71
CA LEU A 400 -12.71 8.32 -11.37
C LEU A 400 -14.09 8.80 -10.90
N GLN A 401 -14.15 9.59 -9.83
CA GLN A 401 -15.42 10.08 -9.26
C GLN A 401 -15.58 11.59 -9.34
N PRO B 10 11.78 -31.62 11.47
CA PRO B 10 12.33 -30.43 10.80
C PRO B 10 13.82 -30.59 10.52
N ALA B 11 14.22 -30.35 9.27
CA ALA B 11 15.63 -30.42 8.89
C ALA B 11 16.30 -29.09 9.13
N LYS B 12 17.47 -29.11 9.79
CA LYS B 12 18.25 -27.89 9.99
C LYS B 12 19.44 -27.78 9.06
N THR B 13 19.77 -28.83 8.31
CA THR B 13 20.82 -28.81 7.32
C THR B 13 20.27 -29.25 5.98
N MET B 14 20.98 -28.87 4.91
CA MET B 14 20.55 -29.25 3.57
C MET B 14 20.68 -30.75 3.33
N GLU B 15 21.65 -31.40 3.99
CA GLU B 15 21.80 -32.84 3.89
C GLU B 15 20.59 -33.55 4.49
N GLU B 16 20.24 -33.20 5.74
CA GLU B 16 19.00 -33.69 6.33
C GLU B 16 17.81 -33.39 5.43
N ALA B 17 17.81 -32.22 4.78
CA ALA B 17 16.65 -31.77 4.02
C ALA B 17 16.44 -32.59 2.75
N SER B 18 17.54 -32.96 2.08
CA SER B 18 17.40 -33.75 0.85
C SER B 18 16.83 -35.13 1.13
N LYS B 19 16.87 -35.60 2.38
CA LYS B 19 16.34 -36.90 2.76
C LYS B 19 14.91 -36.82 3.28
N ARG B 20 14.28 -35.64 3.23
CA ARG B 20 12.91 -35.44 3.68
C ARG B 20 11.95 -35.40 2.50
N SER B 21 10.67 -35.54 2.80
CA SER B 21 9.58 -35.23 1.88
C SER B 21 8.74 -34.12 2.49
N TYR B 22 8.23 -33.23 1.65
CA TYR B 22 7.53 -32.03 2.09
C TYR B 22 6.09 -32.07 1.59
N GLN B 23 5.24 -32.79 2.33
CA GLN B 23 3.86 -33.01 1.89
C GLN B 23 3.13 -31.69 1.66
N PHE B 24 3.35 -30.69 2.53
CA PHE B 24 2.74 -29.37 2.33
C PHE B 24 3.51 -28.52 1.31
N TRP B 25 4.82 -28.31 1.52
CA TRP B 25 5.57 -27.40 0.65
C TRP B 25 5.64 -27.86 -0.79
N ASP B 26 5.52 -29.17 -1.06
CA ASP B 26 5.43 -29.65 -2.44
C ASP B 26 4.21 -29.09 -3.17
N THR B 27 3.14 -28.77 -2.44
CA THR B 27 1.94 -28.21 -3.04
C THR B 27 2.01 -26.70 -3.25
N GLN B 28 3.10 -26.07 -2.86
CA GLN B 28 3.18 -24.61 -2.81
C GLN B 28 3.99 -24.07 -3.99
N PRO B 29 3.80 -22.80 -4.37
CA PRO B 29 4.55 -22.26 -5.53
C PRO B 29 5.96 -21.83 -5.14
N VAL B 30 6.80 -22.80 -4.83
CA VAL B 30 8.21 -22.60 -4.47
C VAL B 30 9.03 -23.62 -5.24
N PRO B 31 10.30 -23.36 -5.57
CA PRO B 31 11.10 -24.35 -6.28
C PRO B 31 11.38 -25.58 -5.43
N LYS B 32 11.71 -26.68 -6.10
CA LYS B 32 12.10 -27.90 -5.38
C LYS B 32 13.51 -27.78 -4.80
N LEU B 33 13.72 -28.44 -3.67
CA LEU B 33 15.03 -28.42 -3.02
C LEU B 33 16.15 -28.81 -3.97
N GLY B 34 15.90 -29.76 -4.87
CA GLY B 34 16.95 -30.14 -5.81
C GLY B 34 17.20 -29.16 -6.93
N GLU B 35 16.25 -28.25 -7.19
CA GLU B 35 16.30 -27.41 -8.38
C GLU B 35 17.50 -26.48 -8.37
N VAL B 36 18.21 -26.42 -9.50
CA VAL B 36 19.07 -25.29 -9.81
C VAL B 36 18.26 -24.35 -10.68
N VAL B 37 18.13 -23.10 -10.25
CA VAL B 37 17.23 -22.16 -10.88
C VAL B 37 18.05 -21.15 -11.67
N ASN B 38 17.71 -20.98 -12.95
CA ASN B 38 18.35 -19.96 -13.77
C ASN B 38 17.40 -18.86 -14.25
N THR B 39 16.09 -19.02 -14.07
CA THR B 39 15.10 -18.04 -14.50
C THR B 39 14.80 -17.05 -13.36
N HIS B 40 14.02 -16.02 -13.66
CA HIS B 40 13.62 -15.00 -12.69
C HIS B 40 12.16 -14.68 -12.91
N GLY B 41 11.28 -15.05 -11.97
CA GLY B 41 9.90 -14.69 -12.09
C GLY B 41 8.96 -15.54 -11.27
N PRO B 42 7.66 -15.24 -11.34
CA PRO B 42 6.69 -15.97 -10.52
C PRO B 42 6.56 -17.43 -10.93
N VAL B 43 6.13 -18.23 -9.97
CA VAL B 43 5.86 -19.63 -10.27
C VAL B 43 4.46 -19.78 -10.85
N GLU B 44 3.49 -19.04 -10.33
CA GLU B 44 2.12 -19.08 -10.78
C GLU B 44 1.59 -17.67 -11.00
N PRO B 45 0.51 -17.50 -11.79
CA PRO B 45 0.00 -16.15 -12.07
C PRO B 45 -0.65 -15.51 -10.86
N ASP B 46 -0.64 -14.17 -10.86
CA ASP B 46 -1.59 -13.42 -10.03
C ASP B 46 -2.98 -13.99 -10.24
N LYS B 47 -3.74 -14.13 -9.15
CA LYS B 47 -5.05 -14.77 -9.23
C LYS B 47 -6.13 -13.72 -9.42
N ASP B 48 -7.04 -13.94 -10.36
CA ASP B 48 -8.11 -12.97 -10.52
C ASP B 48 -9.43 -13.43 -9.92
N ASN B 49 -9.44 -14.57 -9.22
CA ASN B 49 -10.45 -14.76 -8.19
C ASN B 49 -9.83 -15.53 -7.03
N ILE B 50 -10.19 -15.09 -5.83
CA ILE B 50 -9.59 -15.55 -4.59
C ILE B 50 -10.71 -16.16 -3.76
N ARG B 51 -10.46 -17.35 -3.22
CA ARG B 51 -11.29 -17.97 -2.21
C ARG B 51 -11.76 -16.96 -1.17
N GLN B 52 -13.08 -16.81 -1.05
CA GLN B 52 -13.64 -15.85 -0.09
C GLN B 52 -13.79 -16.41 1.31
N GLU B 53 -13.87 -17.73 1.45
CA GLU B 53 -14.08 -18.36 2.74
C GLU B 53 -12.75 -18.74 3.38
N PRO B 54 -12.62 -18.48 4.68
CA PRO B 54 -11.45 -18.98 5.42
C PRO B 54 -11.27 -20.49 5.30
N TYR B 55 -10.02 -20.92 5.33
CA TYR B 55 -9.75 -22.35 5.36
C TYR B 55 -10.29 -22.97 6.65
N THR B 56 -10.56 -24.26 6.57
CA THR B 56 -11.13 -25.00 7.69
C THR B 56 -10.07 -25.30 8.74
N LEU B 57 -10.33 -24.89 9.96
CA LEU B 57 -9.54 -25.31 11.12
C LEU B 57 -10.07 -26.62 11.66
N PRO B 58 -9.25 -27.35 12.43
CA PRO B 58 -9.79 -28.51 13.17
C PRO B 58 -10.93 -28.08 14.07
N GLN B 59 -11.79 -29.05 14.36
CA GLN B 59 -12.98 -28.79 15.17
C GLN B 59 -12.56 -28.18 16.51
N GLY B 60 -13.27 -27.14 16.92
CA GLY B 60 -12.97 -26.52 18.21
C GLY B 60 -12.03 -25.34 18.13
N PHE B 61 -11.60 -24.93 16.93
CA PHE B 61 -10.73 -23.78 16.76
C PHE B 61 -11.33 -22.83 15.73
N THR B 62 -10.99 -21.54 15.84
CA THR B 62 -11.59 -20.55 14.98
C THR B 62 -10.56 -19.46 14.69
N TRP B 63 -10.77 -18.74 13.60
CA TRP B 63 -9.93 -17.62 13.20
C TRP B 63 -10.26 -16.36 13.99
N ASP B 64 -9.24 -15.53 14.18
CA ASP B 64 -9.44 -14.19 14.72
C ASP B 64 -8.34 -13.27 14.23
N ALA B 65 -8.73 -12.07 13.82
CA ALA B 65 -7.78 -11.02 13.45
C ALA B 65 -7.43 -10.22 14.71
N LEU B 66 -6.15 -10.15 15.06
CA LEU B 66 -5.75 -9.51 16.30
C LEU B 66 -5.55 -8.01 16.08
N ASP B 67 -6.37 -7.20 16.77
CA ASP B 67 -6.16 -5.76 16.81
C ASP B 67 -5.26 -5.46 18.01
N LEU B 68 -4.00 -5.16 17.72
CA LEU B 68 -2.95 -4.96 18.73
C LEU B 68 -3.07 -3.61 19.44
N GLY B 69 -3.86 -2.69 18.89
CA GLY B 69 -4.21 -1.47 19.60
C GLY B 69 -5.05 -1.71 20.82
N ASP B 70 -5.68 -2.88 20.90
CA ASP B 70 -6.29 -3.37 22.14
C ASP B 70 -5.19 -3.97 23.02
N ARG B 71 -4.92 -3.32 24.16
CA ARG B 71 -3.83 -3.75 25.03
C ARG B 71 -4.02 -5.19 25.52
N GLY B 72 -5.27 -5.58 25.80
CA GLY B 72 -5.52 -6.95 26.21
C GLY B 72 -5.14 -7.96 25.14
N VAL B 73 -5.44 -7.65 23.87
CA VAL B 73 -5.10 -8.54 22.77
C VAL B 73 -3.59 -8.57 22.56
N LEU B 74 -2.92 -7.42 22.61
CA LEU B 74 -1.47 -7.39 22.52
C LEU B 74 -0.85 -8.26 23.60
N LYS B 75 -1.38 -8.20 24.82
CA LYS B 75 -0.82 -9.02 25.90
C LYS B 75 -1.05 -10.50 25.64
N GLU B 76 -2.20 -10.87 25.05
CA GLU B 76 -2.44 -12.26 24.68
C GLU B 76 -1.41 -12.75 23.68
N LEU B 77 -1.11 -11.94 22.66
CA LEU B 77 -0.06 -12.33 21.71
C LEU B 77 1.30 -12.41 22.40
N TYR B 78 1.64 -11.41 23.21
CA TYR B 78 2.88 -11.46 23.99
C TYR B 78 3.01 -12.79 24.72
N THR B 79 1.91 -13.24 25.31
CA THR B 79 1.96 -14.42 26.17
C THR B 79 2.10 -15.68 25.32
N LEU B 80 1.32 -15.78 24.23
CA LEU B 80 1.49 -16.91 23.31
C LEU B 80 2.96 -17.06 22.90
N LEU B 81 3.57 -15.97 22.40
CA LEU B 81 4.95 -16.07 21.93
C LEU B 81 5.90 -16.31 23.09
N ASN B 82 5.74 -15.59 24.19
CA ASN B 82 6.61 -15.79 25.35
C ASN B 82 6.65 -17.25 25.80
N GLU B 83 5.55 -18.00 25.60
CA GLU B 83 5.51 -19.36 26.10
C GLU B 83 5.71 -20.42 25.02
N ASN B 84 5.55 -20.08 23.75
CA ASN B 84 5.56 -21.09 22.71
C ASN B 84 6.40 -20.77 21.49
N TYR B 85 7.11 -19.63 21.44
CA TYR B 85 7.80 -19.24 20.22
C TYR B 85 9.20 -19.86 20.21
N VAL B 86 10.11 -19.31 19.41
CA VAL B 86 11.32 -20.02 19.00
C VAL B 86 12.25 -20.24 20.19
N GLU B 87 12.84 -21.43 20.26
CA GLU B 87 13.83 -21.77 21.27
C GLU B 87 15.16 -22.13 20.60
N ASP B 88 16.24 -22.06 21.38
CA ASP B 88 17.52 -22.50 20.86
C ASP B 88 17.52 -24.02 20.66
N ASP B 89 18.59 -24.51 20.02
CA ASP B 89 18.71 -25.93 19.69
C ASP B 89 18.59 -26.83 20.91
N ASP B 90 19.00 -26.37 22.09
CA ASP B 90 19.03 -27.18 23.30
C ASP B 90 17.87 -26.90 24.26
N ASN B 91 16.89 -26.10 23.85
CA ASN B 91 15.74 -25.78 24.70
C ASN B 91 16.19 -25.21 26.05
N MET B 92 17.13 -24.25 26.00
CA MET B 92 17.55 -23.51 27.18
C MET B 92 17.10 -22.06 27.18
N PHE B 93 16.81 -21.47 26.01
CA PHE B 93 16.39 -20.08 25.90
C PHE B 93 15.22 -19.97 24.92
N ARG B 94 14.31 -19.02 25.18
CA ARG B 94 13.22 -18.73 24.25
C ARG B 94 13.12 -17.22 24.06
N PHE B 95 12.93 -16.80 22.80
CA PHE B 95 12.72 -15.39 22.51
C PHE B 95 11.66 -14.80 23.44
N ASP B 96 11.93 -13.60 23.93
CA ASP B 96 10.97 -12.89 24.76
C ASP B 96 10.66 -11.52 24.15
N TYR B 97 10.08 -11.51 22.94
CA TYR B 97 9.69 -10.25 22.32
C TYR B 97 8.76 -9.48 23.25
N SER B 98 9.07 -8.20 23.47
CA SER B 98 8.25 -7.36 24.34
C SER B 98 6.99 -6.88 23.61
N PRO B 99 5.95 -6.48 24.35
CA PRO B 99 4.76 -5.92 23.70
C PRO B 99 5.03 -4.72 22.81
N GLN B 100 5.89 -3.79 23.25
CA GLN B 100 6.17 -2.62 22.44
C GLN B 100 7.05 -2.96 21.22
N PHE B 101 7.91 -3.97 21.33
CA PHE B 101 8.60 -4.49 20.15
C PHE B 101 7.60 -5.04 19.15
N LEU B 102 6.63 -5.83 19.62
CA LEU B 102 5.63 -6.41 18.74
C LEU B 102 4.83 -5.33 18.00
N LEU B 103 4.48 -4.24 18.69
CA LEU B 103 3.86 -3.10 18.00
C LEU B 103 4.76 -2.54 16.90
N TRP B 104 6.08 -2.44 17.18
CA TRP B 104 7.01 -1.95 16.18
C TRP B 104 7.08 -2.89 14.98
N ALA B 105 7.20 -4.19 15.24
CA ALA B 105 7.37 -5.15 14.16
C ALA B 105 6.08 -5.39 13.38
N LEU B 106 4.91 -5.17 13.99
CA LEU B 106 3.64 -5.57 13.38
C LEU B 106 2.74 -4.41 12.97
N ARG B 107 3.09 -3.17 13.33
CA ARG B 107 2.40 -2.00 12.80
C ARG B 107 3.32 -1.03 12.09
N PRO B 108 4.08 -1.47 11.08
CA PRO B 108 4.78 -0.51 10.23
C PRO B 108 3.81 0.14 9.28
N PRO B 109 4.23 1.15 8.52
CA PRO B 109 3.34 1.77 7.52
C PRO B 109 2.67 0.73 6.63
N GLY B 110 1.35 0.87 6.45
CA GLY B 110 0.58 -0.03 5.64
C GLY B 110 0.08 -1.28 6.32
N TRP B 111 0.33 -1.46 7.63
CA TRP B 111 -0.09 -2.69 8.29
C TRP B 111 -1.60 -2.87 8.20
N LEU B 112 -2.04 -4.12 8.28
CA LEU B 112 -3.45 -4.44 8.23
C LEU B 112 -3.82 -5.36 9.39
N PRO B 113 -4.89 -5.07 10.13
CA PRO B 113 -5.25 -5.97 11.24
C PRO B 113 -5.67 -7.36 10.78
N GLN B 114 -6.23 -7.50 9.58
CA GLN B 114 -6.57 -8.85 9.13
C GLN B 114 -5.31 -9.68 8.84
N TRP B 115 -4.15 -9.03 8.68
CA TRP B 115 -2.89 -9.73 8.51
C TRP B 115 -2.22 -10.05 9.84
N HIS B 116 -2.91 -9.88 10.97
CA HIS B 116 -2.50 -10.39 12.27
C HIS B 116 -3.40 -11.59 12.57
N CYS B 117 -3.04 -12.74 12.02
CA CYS B 117 -3.99 -13.84 11.86
C CYS B 117 -3.84 -14.82 13.03
N GLY B 118 -4.80 -14.77 13.96
CA GLY B 118 -4.78 -15.64 15.12
C GLY B 118 -5.72 -16.85 14.98
N VAL B 119 -5.40 -17.89 15.73
CA VAL B 119 -6.27 -19.05 15.94
C VAL B 119 -6.65 -19.07 17.42
N ARG B 120 -7.94 -19.23 17.72
CA ARG B 120 -8.41 -19.29 19.09
C ARG B 120 -9.23 -20.56 19.32
N VAL B 121 -9.20 -21.03 20.57
CA VAL B 121 -10.12 -22.08 21.01
C VAL B 121 -11.53 -21.52 21.00
N VAL B 122 -12.48 -22.28 20.42
CA VAL B 122 -13.85 -21.77 20.26
C VAL B 122 -14.48 -21.47 21.62
N SER B 123 -14.39 -22.43 22.55
CA SER B 123 -15.14 -22.33 23.79
C SER B 123 -14.51 -21.34 24.76
N SER B 124 -13.18 -21.27 24.81
CA SER B 124 -12.50 -20.44 25.79
C SER B 124 -11.96 -19.14 25.22
N ARG B 125 -11.88 -19.02 23.89
CA ARG B 125 -11.25 -17.89 23.18
C ARG B 125 -9.74 -17.78 23.43
N LYS B 126 -9.12 -18.78 24.06
CA LYS B 126 -7.68 -18.76 24.30
C LYS B 126 -6.92 -18.67 22.97
N LEU B 127 -5.91 -17.80 22.92
CA LEU B 127 -5.10 -17.68 21.72
C LEU B 127 -4.08 -18.82 21.67
N VAL B 128 -4.13 -19.63 20.61
CA VAL B 128 -3.27 -20.80 20.52
C VAL B 128 -2.45 -20.85 19.24
N GLY B 129 -2.57 -19.85 18.36
CA GLY B 129 -1.79 -19.84 17.13
C GLY B 129 -1.78 -18.47 16.51
N PHE B 130 -0.75 -18.21 15.71
CA PHE B 130 -0.58 -16.88 15.13
C PHE B 130 0.33 -16.94 13.91
N ILE B 131 0.08 -16.03 12.98
CA ILE B 131 1.02 -15.72 11.90
C ILE B 131 0.69 -14.31 11.42
N SER B 132 1.70 -13.61 10.91
CA SER B 132 1.52 -12.22 10.52
C SER B 132 2.15 -11.93 9.16
N ALA B 133 1.59 -10.93 8.49
CA ALA B 133 2.13 -10.35 7.27
C ALA B 133 2.19 -8.84 7.44
N ILE B 134 3.26 -8.23 6.93
CA ILE B 134 3.34 -6.77 6.83
C ILE B 134 3.78 -6.46 5.42
N PRO B 135 3.34 -5.34 4.85
CA PRO B 135 3.73 -5.04 3.46
C PRO B 135 5.18 -4.59 3.38
N ALA B 136 5.82 -4.94 2.28
CA ALA B 136 7.19 -4.49 2.02
C ALA B 136 7.45 -4.49 0.53
N ASN B 137 8.09 -3.43 0.03
CA ASN B 137 8.64 -3.45 -1.30
C ASN B 137 10.01 -4.09 -1.25
N ILE B 138 10.21 -5.10 -2.11
CA ILE B 138 11.42 -5.91 -2.08
C ILE B 138 12.09 -5.82 -3.44
N HIS B 139 13.40 -5.56 -3.43
CA HIS B 139 14.20 -5.62 -4.65
C HIS B 139 14.90 -6.98 -4.67
N ILE B 140 14.70 -7.74 -5.74
CA ILE B 140 15.29 -9.06 -5.87
C ILE B 140 15.90 -9.13 -7.27
N TYR B 141 17.23 -9.19 -7.34
CA TYR B 141 17.99 -9.04 -8.58
C TYR B 141 17.55 -7.80 -9.36
N ASP B 142 16.95 -7.95 -10.55
CA ASP B 142 16.60 -6.78 -11.35
C ASP B 142 15.13 -6.37 -11.24
N THR B 143 14.41 -6.89 -10.25
CA THR B 143 12.98 -6.64 -10.10
C THR B 143 12.69 -6.07 -8.73
N GLU B 144 11.81 -5.08 -8.70
CA GLU B 144 11.18 -4.59 -7.48
C GLU B 144 9.73 -5.08 -7.47
N LYS B 145 9.33 -5.73 -6.39
CA LYS B 145 7.98 -6.26 -6.22
C LYS B 145 7.41 -5.81 -4.90
N LYS B 146 6.13 -5.47 -4.90
CA LYS B 146 5.37 -5.34 -3.66
C LYS B 146 5.15 -6.74 -3.10
N MET B 147 5.62 -6.97 -1.88
CA MET B 147 5.52 -8.27 -1.22
C MET B 147 4.96 -8.06 0.19
N VAL B 148 4.82 -9.15 0.91
CA VAL B 148 4.68 -9.10 2.36
C VAL B 148 5.85 -9.84 2.98
N GLU B 149 6.17 -9.48 4.22
CA GLU B 149 7.08 -10.25 5.05
C GLU B 149 6.24 -11.02 6.05
N ILE B 150 6.49 -12.33 6.16
CA ILE B 150 5.79 -13.20 7.10
C ILE B 150 6.66 -13.38 8.33
N ASN B 151 6.05 -13.34 9.50
CA ASN B 151 6.81 -13.41 10.74
C ASN B 151 5.91 -13.98 11.84
N PHE B 152 6.53 -14.44 12.92
CA PHE B 152 5.85 -14.86 14.15
C PHE B 152 4.89 -16.03 13.94
N LEU B 153 5.24 -16.94 13.04
CA LEU B 153 4.50 -18.20 12.95
C LEU B 153 4.68 -18.98 14.24
N CYS B 154 3.56 -19.28 14.90
CA CYS B 154 3.63 -19.85 16.24
C CYS B 154 2.38 -20.67 16.50
N VAL B 155 2.57 -21.93 16.91
CA VAL B 155 1.49 -22.81 17.32
C VAL B 155 1.74 -23.21 18.76
N HIS B 156 0.71 -23.12 19.61
CA HIS B 156 0.82 -23.53 21.00
C HIS B 156 1.42 -24.93 21.11
N LYS B 157 2.30 -25.13 22.10
CA LYS B 157 2.97 -26.42 22.24
C LYS B 157 2.00 -27.57 22.39
N LYS B 158 0.81 -27.33 22.95
CA LYS B 158 -0.16 -28.40 23.09
C LYS B 158 -0.93 -28.67 21.80
N LEU B 159 -0.77 -27.84 20.77
CA LEU B 159 -1.45 -28.00 19.50
C LEU B 159 -0.49 -28.43 18.39
N ARG B 160 0.77 -28.76 18.73
CA ARG B 160 1.78 -29.06 17.74
C ARG B 160 1.51 -30.39 17.04
N SER B 161 2.19 -30.57 15.89
CA SER B 161 2.14 -31.80 15.10
C SER B 161 0.71 -32.21 14.74
N LYS B 162 -0.21 -31.25 14.69
CA LYS B 162 -1.59 -31.48 14.29
C LYS B 162 -1.92 -30.78 12.96
N ARG B 163 -0.90 -30.47 12.16
CA ARG B 163 -1.06 -29.83 10.84
C ARG B 163 -1.75 -28.48 10.93
N VAL B 164 -1.59 -27.77 12.04
CA VAL B 164 -2.17 -26.42 12.11
C VAL B 164 -1.27 -25.39 11.41
N ALA B 165 0.04 -25.58 11.41
CA ALA B 165 0.92 -24.62 10.73
C ALA B 165 0.61 -24.50 9.24
N PRO B 166 0.35 -25.57 8.49
CA PRO B 166 -0.03 -25.37 7.08
C PRO B 166 -1.36 -24.64 6.90
N VAL B 167 -2.32 -24.79 7.80
CA VAL B 167 -3.55 -24.03 7.67
C VAL B 167 -3.28 -22.55 7.92
N LEU B 168 -2.44 -22.23 8.93
CA LEU B 168 -2.05 -20.84 9.15
C LEU B 168 -1.38 -20.25 7.91
N ILE B 169 -0.51 -21.01 7.26
CA ILE B 169 0.20 -20.46 6.10
C ILE B 169 -0.76 -20.23 4.95
N ARG B 170 -1.68 -21.17 4.71
CA ARG B 170 -2.65 -21.00 3.63
C ARG B 170 -3.61 -19.85 3.91
N GLU B 171 -4.01 -19.67 5.17
CA GLU B 171 -4.96 -18.62 5.47
C GLU B 171 -4.34 -17.23 5.28
N ILE B 172 -3.11 -17.01 5.77
CA ILE B 172 -2.46 -15.73 5.56
C ILE B 172 -2.18 -15.52 4.08
N THR B 173 -1.85 -16.61 3.37
CA THR B 173 -1.68 -16.51 1.91
C THR B 173 -2.95 -15.98 1.27
N ARG B 174 -4.09 -16.57 1.64
CA ARG B 174 -5.39 -16.14 1.13
C ARG B 174 -5.66 -14.68 1.46
N ARG B 175 -5.41 -14.29 2.71
CA ARG B 175 -5.70 -12.91 3.14
C ARG B 175 -4.80 -11.90 2.44
N VAL B 176 -3.58 -12.31 2.10
CA VAL B 176 -2.68 -11.45 1.36
C VAL B 176 -3.10 -11.38 -0.10
N HIS B 177 -3.54 -12.50 -0.68
CA HIS B 177 -4.02 -12.50 -2.05
C HIS B 177 -5.19 -11.54 -2.24
N LEU B 178 -6.07 -11.44 -1.23
CA LEU B 178 -7.24 -10.58 -1.32
C LEU B 178 -6.87 -9.12 -1.53
N GLU B 179 -5.70 -8.73 -1.03
CA GLU B 179 -5.19 -7.38 -1.19
C GLU B 179 -4.31 -7.23 -2.40
N GLY B 180 -4.31 -8.21 -3.31
CA GLY B 180 -3.57 -8.09 -4.56
C GLY B 180 -2.08 -8.33 -4.49
N ILE B 181 -1.59 -9.00 -3.46
CA ILE B 181 -0.16 -9.29 -3.32
C ILE B 181 0.05 -10.80 -3.46
N PHE B 182 1.06 -11.18 -4.26
CA PHE B 182 1.23 -12.57 -4.65
C PHE B 182 2.64 -13.10 -4.42
N GLN B 183 3.51 -12.32 -3.78
CA GLN B 183 4.85 -12.72 -3.40
C GLN B 183 5.07 -12.42 -1.93
N ALA B 184 5.93 -13.21 -1.28
CA ALA B 184 6.28 -12.99 0.12
C ALA B 184 7.75 -13.28 0.32
N VAL B 185 8.33 -12.68 1.35
CA VAL B 185 9.67 -13.00 1.80
C VAL B 185 9.57 -13.40 3.26
N TYR B 186 10.40 -14.36 3.67
CA TYR B 186 10.39 -14.82 5.06
C TYR B 186 11.69 -15.58 5.33
N THR B 187 12.00 -15.72 6.62
CA THR B 187 13.17 -16.48 7.04
C THR B 187 12.70 -17.63 7.92
N ALA B 188 13.61 -18.59 8.13
CA ALA B 188 13.37 -19.69 9.07
C ALA B 188 14.69 -20.33 9.44
N GLY B 189 14.72 -20.90 10.65
CA GLY B 189 15.87 -21.68 11.08
C GLY B 189 15.91 -23.09 10.52
N VAL B 190 14.83 -23.56 9.91
CA VAL B 190 14.78 -24.88 9.31
C VAL B 190 14.93 -24.73 7.80
N VAL B 191 15.36 -25.82 7.16
CA VAL B 191 15.46 -25.88 5.71
C VAL B 191 14.14 -26.37 5.11
N LEU B 192 13.63 -25.61 4.16
CA LEU B 192 12.42 -25.86 3.40
C LEU B 192 12.74 -25.64 1.95
N PRO B 193 11.90 -26.12 1.03
CA PRO B 193 12.00 -25.66 -0.36
C PRO B 193 11.59 -24.20 -0.45
N LYS B 194 12.44 -23.34 -1.01
CA LYS B 194 13.87 -23.58 -1.24
C LYS B 194 14.59 -22.27 -0.90
N PRO B 195 15.64 -22.33 -0.09
CA PRO B 195 16.30 -21.10 0.34
C PRO B 195 16.87 -20.32 -0.85
N VAL B 196 16.60 -19.02 -0.86
CA VAL B 196 17.29 -18.15 -1.81
C VAL B 196 18.65 -17.75 -1.27
N GLY B 197 18.90 -17.96 0.01
CA GLY B 197 20.15 -17.60 0.63
C GLY B 197 20.22 -18.17 2.03
N THR B 198 21.42 -18.55 2.46
CA THR B 198 21.62 -19.13 3.78
C THR B 198 22.61 -18.27 4.54
N CYS B 199 22.17 -17.75 5.67
CA CYS B 199 23.01 -16.91 6.51
C CYS B 199 23.22 -17.60 7.84
N ARG B 200 24.30 -17.20 8.51
CA ARG B 200 24.73 -17.82 9.75
C ARG B 200 24.84 -16.73 10.81
N TYR B 201 24.26 -16.97 11.98
CA TYR B 201 24.43 -16.05 13.10
C TYR B 201 25.83 -16.19 13.71
N TRP B 202 26.38 -15.05 14.14
CA TRP B 202 27.62 -14.97 14.90
C TRP B 202 27.33 -14.14 16.14
N HIS B 203 28.16 -14.32 17.17
CA HIS B 203 27.85 -13.80 18.49
C HIS B 203 29.08 -13.13 19.09
N ARG B 204 28.91 -11.92 19.64
CA ARG B 204 30.01 -11.19 20.26
C ARG B 204 29.70 -11.00 21.75
N SER B 205 30.44 -11.69 22.63
CA SER B 205 30.22 -11.55 24.06
C SER B 205 30.47 -10.13 24.52
N LEU B 206 29.53 -9.58 25.27
CA LEU B 206 29.71 -8.30 25.95
C LEU B 206 29.77 -8.45 27.45
N ASN B 207 28.98 -9.37 28.01
CA ASN B 207 29.03 -9.73 29.42
C ASN B 207 29.41 -11.20 29.50
N PRO B 208 30.70 -11.53 29.30
CA PRO B 208 31.10 -12.95 29.27
C PRO B 208 30.76 -13.72 30.54
N ARG B 209 30.85 -13.06 31.70
CA ARG B 209 30.55 -13.74 32.95
C ARG B 209 29.11 -14.25 32.97
N LYS B 210 28.16 -13.38 32.61
CA LYS B 210 26.77 -13.80 32.62
C LYS B 210 26.52 -14.89 31.57
N LEU B 211 27.05 -14.71 30.35
CA LEU B 211 26.83 -15.68 29.29
C LEU B 211 27.30 -17.08 29.69
N ILE B 212 28.44 -17.16 30.39
CA ILE B 212 28.94 -18.44 30.85
C ILE B 212 28.12 -18.95 32.02
N GLU B 213 27.69 -18.04 32.91
CA GLU B 213 26.83 -18.42 34.03
C GLU B 213 25.54 -19.10 33.56
N VAL B 214 24.86 -18.54 32.55
CA VAL B 214 23.58 -19.11 32.10
C VAL B 214 23.80 -20.13 30.99
N LYS B 215 25.06 -20.42 30.68
CA LYS B 215 25.44 -21.46 29.73
C LYS B 215 24.95 -21.13 28.31
N PHE B 216 24.83 -19.84 28.01
CA PHE B 216 24.76 -19.40 26.62
C PHE B 216 26.06 -19.67 25.89
N SER B 217 27.20 -19.45 26.56
CA SER B 217 28.52 -19.78 26.04
C SER B 217 29.27 -20.59 27.10
N HIS B 218 30.47 -21.04 26.77
CA HIS B 218 31.30 -21.80 27.69
CA HIS B 218 31.29 -21.75 27.73
C HIS B 218 32.73 -21.29 27.61
N LEU B 219 33.48 -21.51 28.69
CA LEU B 219 34.91 -21.19 28.71
C LEU B 219 35.68 -22.12 27.79
N SER B 220 36.37 -21.57 26.80
CA SER B 220 37.36 -22.36 26.06
C SER B 220 38.34 -22.99 27.03
N ARG B 221 38.45 -24.32 26.98
CA ARG B 221 38.94 -25.11 28.11
C ARG B 221 40.34 -24.70 28.58
N ASN B 222 41.16 -24.09 27.73
CA ASN B 222 42.48 -23.61 28.13
C ASN B 222 42.48 -22.10 28.38
N MET B 223 41.34 -21.54 28.77
CA MET B 223 41.19 -20.13 29.14
C MET B 223 40.51 -20.02 30.49
N THR B 224 41.03 -19.15 31.35
CA THR B 224 40.35 -18.85 32.60
C THR B 224 39.20 -17.87 32.36
N MET B 225 38.38 -17.71 33.39
CA MET B 225 37.36 -16.66 33.36
C MET B 225 37.99 -15.28 33.26
N GLN B 226 39.03 -15.01 34.06
CA GLN B 226 39.65 -13.70 34.03
C GLN B 226 40.28 -13.40 32.68
N ARG B 227 40.91 -14.40 32.04
CA ARG B 227 41.43 -14.17 30.70
C ARG B 227 40.32 -13.91 29.69
N THR B 228 39.15 -14.51 29.90
CA THR B 228 38.03 -14.31 28.99
C THR B 228 37.48 -12.90 29.10
N MET B 229 37.38 -12.37 30.32
CA MET B 229 36.89 -11.02 30.50
C MET B 229 37.87 -9.98 29.96
N LYS B 230 39.18 -10.24 30.04
CA LYS B 230 40.14 -9.33 29.43
C LYS B 230 40.06 -9.40 27.90
N LEU B 231 39.89 -10.60 27.36
CA LEU B 231 39.77 -10.74 25.90
C LEU B 231 38.64 -9.89 25.34
N TYR B 232 37.47 -9.94 25.98
CA TYR B 232 36.25 -9.31 25.47
C TYR B 232 36.05 -7.88 25.98
N ARG B 233 36.98 -7.35 26.76
CA ARG B 233 36.80 -6.00 27.29
C ARG B 233 36.77 -4.99 26.15
N LEU B 234 35.94 -3.97 26.30
CA LEU B 234 35.75 -2.93 25.33
C LEU B 234 35.99 -1.58 25.98
N PRO B 235 36.42 -0.58 25.21
CA PRO B 235 36.51 0.79 25.74
C PRO B 235 35.15 1.24 26.26
N GLU B 236 35.17 2.27 27.12
CA GLU B 236 33.94 2.70 27.77
C GLU B 236 33.14 3.72 26.96
N THR B 237 33.74 4.39 25.97
CA THR B 237 33.05 5.29 25.08
C THR B 237 33.52 5.03 23.65
N PRO B 238 32.67 5.29 22.66
CA PRO B 238 33.06 5.00 21.27
C PRO B 238 34.15 5.93 20.78
N LYS B 239 34.85 5.50 19.73
CA LYS B 239 35.97 6.27 19.21
C LYS B 239 35.63 7.12 18.00
N THR B 240 34.51 6.89 17.31
CA THR B 240 34.23 7.64 16.09
C THR B 240 33.80 9.07 16.41
N ALA B 241 34.46 10.03 15.76
CA ALA B 241 34.13 11.44 15.91
C ALA B 241 32.74 11.75 15.37
N GLY B 242 31.91 12.38 16.19
CA GLY B 242 30.62 12.87 15.72
C GLY B 242 29.48 11.89 15.85
N LEU B 243 29.69 10.77 16.54
CA LEU B 243 28.65 9.78 16.72
C LEU B 243 27.62 10.29 17.73
N ARG B 244 26.34 10.16 17.39
CA ARG B 244 25.25 10.64 18.24
C ARG B 244 23.98 9.90 17.85
N PRO B 245 22.99 9.85 18.73
CA PRO B 245 21.72 9.19 18.38
C PRO B 245 21.07 9.87 17.18
N MET B 246 20.44 9.05 16.35
CA MET B 246 19.63 9.57 15.26
C MET B 246 18.50 10.45 15.81
N GLU B 247 18.20 11.52 15.10
CA GLU B 247 17.16 12.46 15.46
C GLU B 247 16.24 12.64 14.28
N THR B 248 15.11 13.31 14.51
CA THR B 248 14.11 13.48 13.47
C THR B 248 14.70 14.13 12.22
N LYS B 249 15.59 15.11 12.41
CA LYS B 249 16.20 15.80 11.28
C LYS B 249 17.07 14.88 10.42
N ASP B 250 17.50 13.74 10.94
CA ASP B 250 18.34 12.83 10.18
C ASP B 250 17.55 11.86 9.30
N ILE B 251 16.22 11.84 9.41
CA ILE B 251 15.43 10.87 8.64
C ILE B 251 15.73 10.93 7.14
N PRO B 252 15.74 12.10 6.48
CA PRO B 252 16.03 12.09 5.03
C PRO B 252 17.41 11.56 4.69
N VAL B 253 18.47 11.96 5.40
CA VAL B 253 19.80 11.53 4.99
C VAL B 253 20.02 10.07 5.32
N VAL B 254 19.45 9.59 6.44
CA VAL B 254 19.50 8.15 6.72
C VAL B 254 18.82 7.37 5.60
N HIS B 255 17.68 7.87 5.11
CA HIS B 255 16.99 7.23 4.00
C HIS B 255 17.83 7.26 2.74
N GLN B 256 18.50 8.39 2.47
CA GLN B 256 19.32 8.47 1.28
C GLN B 256 20.56 7.59 1.39
N LEU B 257 21.19 7.56 2.57
CA LEU B 257 22.37 6.72 2.75
C LEU B 257 22.03 5.24 2.59
N LEU B 258 20.91 4.81 3.17
CA LEU B 258 20.50 3.41 3.09
C LEU B 258 20.21 3.00 1.65
N THR B 259 19.44 3.82 0.93
CA THR B 259 19.02 3.45 -0.42
C THR B 259 20.23 3.24 -1.32
N ARG B 260 21.21 4.15 -1.24
CA ARG B 260 22.41 4.02 -2.07
C ARG B 260 23.25 2.83 -1.64
N TYR B 261 23.37 2.61 -0.34
CA TYR B 261 24.17 1.51 0.17
C TYR B 261 23.60 0.14 -0.25
N LEU B 262 22.29 0.00 -0.28
CA LEU B 262 21.67 -1.30 -0.52
C LEU B 262 21.74 -1.73 -1.99
N LYS B 263 22.07 -0.82 -2.90
CA LYS B 263 22.09 -1.15 -4.32
C LYS B 263 23.11 -2.24 -4.65
N GLN B 264 24.15 -2.39 -3.83
CA GLN B 264 25.16 -3.41 -4.11
C GLN B 264 24.71 -4.84 -3.80
N PHE B 265 23.58 -5.04 -3.13
CA PHE B 265 23.12 -6.39 -2.78
C PHE B 265 21.99 -6.80 -3.71
N HIS B 266 21.63 -8.09 -3.66
CA HIS B 266 20.65 -8.64 -4.58
C HIS B 266 19.29 -8.91 -3.96
N LEU B 267 19.16 -8.89 -2.64
CA LEU B 267 17.86 -9.04 -1.97
C LEU B 267 17.80 -7.97 -0.89
N THR B 268 16.95 -6.96 -1.09
CA THR B 268 16.99 -5.78 -0.22
C THR B 268 15.58 -5.23 -0.05
N PRO B 269 15.33 -4.50 1.03
CA PRO B 269 14.09 -3.73 1.12
C PRO B 269 14.20 -2.43 0.34
N VAL B 270 13.08 -1.98 -0.18
CA VAL B 270 12.98 -0.66 -0.82
C VAL B 270 12.07 0.17 0.08
N MET B 271 12.66 1.06 0.87
CA MET B 271 11.94 1.74 1.94
C MET B 271 11.62 3.19 1.56
N SER B 272 10.37 3.60 1.82
CA SER B 272 10.04 5.02 1.78
C SER B 272 10.64 5.75 2.97
N GLN B 273 10.56 7.08 2.91
CA GLN B 273 11.07 7.88 4.02
C GLN B 273 10.26 7.65 5.29
N GLU B 274 8.94 7.48 5.16
CA GLU B 274 8.12 7.12 6.31
C GLU B 274 8.51 5.75 6.87
N GLU B 275 8.85 4.79 5.99
CA GLU B 275 9.30 3.49 6.46
C GLU B 275 10.66 3.59 7.15
N VAL B 276 11.55 4.45 6.63
CA VAL B 276 12.83 4.66 7.29
C VAL B 276 12.62 5.21 8.69
N GLU B 277 11.67 6.14 8.84
CA GLU B 277 11.38 6.67 10.17
C GLU B 277 10.91 5.56 11.11
N HIS B 278 9.99 4.71 10.63
CA HIS B 278 9.49 3.64 11.50
C HIS B 278 10.60 2.69 11.92
N TRP B 279 11.42 2.24 10.97
CA TRP B 279 12.36 1.18 11.30
C TRP B 279 13.61 1.66 12.01
N PHE B 280 13.95 2.95 11.94
CA PHE B 280 15.22 3.43 12.47
C PHE B 280 15.12 4.47 13.56
N TYR B 281 14.04 5.23 13.65
CA TYR B 281 13.96 6.26 14.68
C TYR B 281 14.03 5.59 16.06
N PRO B 282 14.93 6.05 16.94
CA PRO B 282 15.22 5.26 18.15
C PRO B 282 14.01 5.16 19.06
N GLN B 283 13.82 3.96 19.61
CA GLN B 283 12.79 3.70 20.60
C GLN B 283 13.44 2.82 21.64
N GLU B 284 13.44 3.28 22.89
CA GLU B 284 14.21 2.58 23.91
C GLU B 284 13.73 1.15 24.04
N ASN B 285 14.68 0.23 24.19
CA ASN B 285 14.42 -1.20 24.35
C ASN B 285 13.77 -1.84 23.13
N ILE B 286 13.83 -1.18 21.97
CA ILE B 286 13.33 -1.74 20.71
C ILE B 286 14.38 -1.56 19.63
N ILE B 287 14.71 -0.31 19.29
CA ILE B 287 15.60 -0.03 18.18
C ILE B 287 16.51 1.14 18.54
N ASP B 288 17.79 0.99 18.24
CA ASP B 288 18.81 1.99 18.48
C ASP B 288 19.47 2.30 17.16
N THR B 289 19.56 3.58 16.82
CA THR B 289 20.24 4.04 15.62
C THR B 289 21.15 5.21 15.98
N PHE B 290 22.41 5.13 15.57
CA PHE B 290 23.39 6.19 15.80
C PHE B 290 23.94 6.65 14.46
N VAL B 291 24.03 7.96 14.28
CA VAL B 291 24.59 8.53 13.05
C VAL B 291 25.95 9.14 13.38
N VAL B 292 26.80 9.18 12.35
CA VAL B 292 28.05 9.92 12.40
C VAL B 292 27.83 11.24 11.69
N GLU B 293 27.84 12.34 12.44
CA GLU B 293 27.80 13.70 11.89
C GLU B 293 29.20 14.31 11.97
N ASN B 294 29.81 14.58 10.82
CA ASN B 294 31.23 14.95 10.77
C ASN B 294 31.41 16.44 11.04
N ALA B 295 32.66 16.91 10.88
CA ALA B 295 33.06 18.26 11.24
C ALA B 295 32.43 19.32 10.34
N ASN B 296 31.89 18.93 9.19
CA ASN B 296 31.13 19.79 8.30
C ASN B 296 29.64 19.79 8.61
N GLY B 297 29.19 18.97 9.57
CA GLY B 297 27.78 18.85 9.82
C GLY B 297 27.08 17.85 8.94
N GLU B 298 27.84 17.08 8.17
N GLU B 298 27.83 17.10 8.14
CA GLU B 298 27.28 16.10 7.23
CA GLU B 298 27.23 16.12 7.23
C GLU B 298 27.14 14.75 7.92
C GLU B 298 27.13 14.77 7.91
N VAL B 299 25.96 14.15 7.81
CA VAL B 299 25.77 12.78 8.29
C VAL B 299 26.29 11.82 7.23
N THR B 300 27.32 11.05 7.56
CA THR B 300 28.00 10.21 6.59
C THR B 300 27.85 8.72 6.84
N ASP B 301 27.51 8.30 8.06
CA ASP B 301 27.42 6.87 8.35
C ASP B 301 26.30 6.66 9.36
N PHE B 302 25.83 5.41 9.48
CA PHE B 302 24.99 5.10 10.63
C PHE B 302 25.05 3.61 10.95
N LEU B 303 24.72 3.30 12.20
CA LEU B 303 24.68 1.94 12.72
C LEU B 303 23.36 1.76 13.46
N SER B 304 22.86 0.53 13.47
CA SER B 304 21.60 0.28 14.15
C SER B 304 21.54 -1.17 14.60
N PHE B 305 20.81 -1.41 15.70
CA PHE B 305 20.61 -2.74 16.22
C PHE B 305 19.30 -2.76 16.98
N TYR B 306 18.58 -3.89 16.93
CA TYR B 306 17.34 -3.97 17.69
C TYR B 306 17.52 -4.82 18.94
N THR B 307 16.56 -4.67 19.87
CA THR B 307 16.58 -5.29 21.19
C THR B 307 15.69 -6.53 21.18
N LEU B 308 16.28 -7.69 21.47
CA LEU B 308 15.49 -8.92 21.55
C LEU B 308 16.01 -9.75 22.72
N PRO B 309 15.37 -9.65 23.88
CA PRO B 309 15.75 -10.50 25.02
C PRO B 309 15.22 -11.92 24.85
N SER B 310 15.66 -12.79 25.76
CA SER B 310 15.18 -14.16 25.73
C SER B 310 15.07 -14.73 27.14
N THR B 311 14.02 -15.50 27.36
CA THR B 311 13.82 -16.20 28.63
C THR B 311 14.88 -17.27 28.82
N ILE B 312 15.40 -17.36 30.04
CA ILE B 312 16.29 -18.44 30.44
C ILE B 312 15.41 -19.53 31.05
N MET B 313 15.23 -20.63 30.31
CA MET B 313 14.12 -21.52 30.59
C MET B 313 14.29 -22.29 31.90
N ASN B 314 15.53 -22.56 32.33
CA ASN B 314 15.72 -23.21 33.63
C ASN B 314 15.21 -22.34 34.76
N HIS B 315 15.63 -21.07 34.79
CA HIS B 315 15.20 -20.10 35.81
C HIS B 315 14.47 -18.98 35.11
N PRO B 316 13.17 -19.14 34.81
CA PRO B 316 12.38 -17.98 34.35
C PRO B 316 12.30 -16.88 35.40
N THR B 317 12.75 -17.18 36.62
CA THR B 317 12.88 -16.17 37.67
C THR B 317 13.93 -15.12 37.32
N HIS B 318 15.09 -15.56 36.85
CA HIS B 318 16.22 -14.68 36.61
C HIS B 318 15.95 -13.71 35.46
N LYS B 319 16.77 -12.65 35.41
CA LYS B 319 16.65 -11.67 34.35
C LYS B 319 16.90 -12.33 33.00
N SER B 320 16.27 -11.79 31.97
CA SER B 320 16.41 -12.36 30.65
C SER B 320 17.85 -12.23 30.16
N LEU B 321 18.18 -13.04 29.16
CA LEU B 321 19.38 -12.84 28.38
C LEU B 321 19.14 -11.69 27.40
N LYS B 322 19.91 -10.62 27.53
CA LYS B 322 19.69 -9.40 26.75
C LYS B 322 20.61 -9.39 25.53
N ALA B 323 20.03 -9.54 24.34
CA ALA B 323 20.79 -9.59 23.10
C ALA B 323 20.46 -8.39 22.22
N ALA B 324 21.49 -7.82 21.59
CA ALA B 324 21.30 -6.83 20.56
C ALA B 324 21.51 -7.49 19.22
N TYR B 325 20.68 -7.14 18.22
CA TYR B 325 20.79 -7.73 16.89
C TYR B 325 21.16 -6.64 15.90
N SER B 326 22.29 -6.83 15.22
CA SER B 326 22.69 -5.92 14.16
C SER B 326 21.59 -5.79 13.13
N PHE B 327 21.29 -4.56 12.72
CA PHE B 327 20.16 -4.29 11.83
C PHE B 327 20.76 -3.85 10.50
N TYR B 328 20.84 -2.54 10.22
CA TYR B 328 21.46 -2.05 9.00
C TYR B 328 22.60 -1.11 9.39
N ASN B 329 23.77 -1.32 8.79
CA ASN B 329 24.94 -0.50 9.09
C ASN B 329 25.50 0.03 7.77
N VAL B 330 25.48 1.35 7.63
CA VAL B 330 25.87 2.01 6.40
C VAL B 330 27.11 2.84 6.69
N HIS B 331 28.11 2.71 5.84
CA HIS B 331 29.37 3.42 5.97
C HIS B 331 29.69 4.04 4.62
N THR B 332 29.96 5.35 4.61
CA THR B 332 30.55 6.01 3.45
C THR B 332 31.87 6.71 3.75
N GLN B 333 32.08 7.20 4.98
N GLN B 333 32.12 7.12 4.99
CA GLN B 333 33.35 7.83 5.37
CA GLN B 333 33.41 7.73 5.32
C GLN B 333 34.03 7.12 6.53
C GLN B 333 34.06 7.04 6.52
N THR B 334 33.27 6.59 7.49
CA THR B 334 33.85 5.83 8.61
C THR B 334 34.07 4.38 8.17
N PRO B 335 35.23 3.79 8.46
CA PRO B 335 35.41 2.36 8.14
C PRO B 335 34.39 1.50 8.85
N LEU B 336 33.84 0.51 8.14
CA LEU B 336 32.84 -0.36 8.76
C LEU B 336 33.36 -1.01 10.03
N LEU B 337 34.66 -1.30 10.09
CA LEU B 337 35.21 -1.94 11.28
C LEU B 337 35.15 -1.02 12.48
N ASP B 338 35.44 0.27 12.30
CA ASP B 338 35.28 1.25 13.37
C ASP B 338 33.82 1.42 13.75
N LEU B 339 32.94 1.50 12.75
CA LEU B 339 31.51 1.63 13.01
C LEU B 339 31.00 0.50 13.90
N MET B 340 31.36 -0.75 13.56
CA MET B 340 30.86 -1.88 14.34
C MET B 340 31.55 -1.96 15.69
N SER B 341 32.81 -1.52 15.77
CA SER B 341 33.45 -1.42 17.07
C SER B 341 32.68 -0.46 17.98
N ASP B 342 32.19 0.66 17.42
CA ASP B 342 31.39 1.56 18.23
C ASP B 342 30.02 0.97 18.58
N ALA B 343 29.44 0.19 17.66
CA ALA B 343 28.17 -0.48 17.96
C ALA B 343 28.31 -1.39 19.18
N LEU B 344 29.40 -2.18 19.22
CA LEU B 344 29.65 -3.06 20.37
C LEU B 344 29.76 -2.26 21.66
N VAL B 345 30.53 -1.16 21.64
CA VAL B 345 30.68 -0.34 22.84
C VAL B 345 29.34 0.24 23.28
N LEU B 346 28.54 0.73 22.32
CA LEU B 346 27.23 1.27 22.66
C LEU B 346 26.31 0.20 23.24
N ALA B 347 26.30 -0.99 22.65
CA ALA B 347 25.46 -2.06 23.18
C ALA B 347 25.91 -2.44 24.59
N LYS B 348 27.22 -2.55 24.80
CA LYS B 348 27.75 -2.77 26.14
C LYS B 348 27.27 -1.68 27.10
N MET B 349 27.36 -0.42 26.68
CA MET B 349 26.91 0.70 27.52
C MET B 349 25.44 0.58 27.88
N LYS B 350 24.62 0.07 26.97
CA LYS B 350 23.20 -0.01 27.21
C LYS B 350 22.79 -1.24 27.99
N GLY B 351 23.74 -2.10 28.37
CA GLY B 351 23.42 -3.23 29.20
C GLY B 351 23.17 -4.54 28.50
N PHE B 352 23.45 -4.66 27.20
CA PHE B 352 23.26 -5.93 26.53
C PHE B 352 24.36 -6.91 26.94
N ASP B 353 24.01 -8.20 26.94
CA ASP B 353 24.96 -9.26 27.29
C ASP B 353 25.70 -9.81 26.08
N VAL B 354 25.08 -9.77 24.90
CA VAL B 354 25.66 -10.33 23.69
C VAL B 354 25.19 -9.47 22.51
N PHE B 355 26.02 -9.37 21.49
CA PHE B 355 25.71 -8.65 20.26
C PHE B 355 25.73 -9.65 19.12
N ASN B 356 24.59 -9.82 18.44
CA ASN B 356 24.44 -10.81 17.39
C ASN B 356 24.46 -10.15 16.02
N ALA B 357 25.05 -10.82 15.05
CA ALA B 357 25.04 -10.34 13.68
C ALA B 357 25.05 -11.55 12.74
N LEU B 358 24.38 -11.41 11.62
CA LEU B 358 24.45 -12.42 10.57
C LEU B 358 25.70 -12.20 9.72
N ASP B 359 26.05 -13.18 8.90
CA ASP B 359 27.16 -13.04 7.98
C ASP B 359 26.74 -12.46 6.63
N LEU B 360 25.63 -11.74 6.58
CA LEU B 360 25.18 -11.17 5.32
C LEU B 360 25.81 -9.80 5.09
N MET B 361 25.39 -9.16 3.99
CA MET B 361 25.92 -7.85 3.56
C MET B 361 27.45 -7.93 3.60
N GLU B 362 28.14 -6.96 4.20
CA GLU B 362 29.59 -7.04 4.32
C GLU B 362 30.04 -7.51 5.68
N ASN B 363 29.18 -8.20 6.44
CA ASN B 363 29.51 -8.44 7.84
C ASN B 363 30.73 -9.35 7.99
N LYS B 364 31.00 -10.20 6.99
CA LYS B 364 32.17 -11.08 7.08
C LYS B 364 33.48 -10.30 7.13
N THR B 365 33.51 -9.06 6.65
CA THR B 365 34.72 -8.27 6.76
C THR B 365 35.05 -7.84 8.19
N PHE B 366 34.11 -7.93 9.14
CA PHE B 366 34.44 -7.54 10.51
C PHE B 366 34.22 -8.62 11.57
N LEU B 367 33.48 -9.70 11.28
CA LEU B 367 33.04 -10.61 12.33
C LEU B 367 34.21 -11.21 13.11
N GLU B 368 35.17 -11.83 12.39
CA GLU B 368 36.31 -12.45 13.08
C GLU B 368 37.19 -11.40 13.75
N LYS B 369 37.45 -10.29 13.06
CA LYS B 369 38.32 -9.24 13.60
C LYS B 369 37.78 -8.67 14.90
N LEU B 370 36.46 -8.55 15.05
CA LEU B 370 35.89 -8.00 16.27
C LEU B 370 35.51 -9.07 17.29
N LYS B 371 35.98 -10.31 17.08
CA LYS B 371 35.89 -11.38 18.06
C LYS B 371 34.47 -11.92 18.22
N PHE B 372 33.68 -11.84 17.15
CA PHE B 372 32.48 -12.66 17.08
C PHE B 372 32.87 -14.12 16.97
N GLY B 373 32.06 -14.99 17.58
CA GLY B 373 32.20 -16.43 17.42
C GLY B 373 31.05 -16.97 16.62
N ILE B 374 31.33 -18.02 15.82
CA ILE B 374 30.31 -18.53 14.92
C ILE B 374 29.22 -19.23 15.71
N GLY B 375 27.98 -19.05 15.27
CA GLY B 375 26.85 -19.62 15.97
C GLY B 375 26.48 -20.99 15.43
N ASP B 376 25.57 -21.63 16.15
CA ASP B 376 25.04 -22.93 15.75
C ASP B 376 23.75 -22.84 14.94
N GLY B 377 23.20 -21.64 14.74
CA GLY B 377 21.97 -21.53 13.99
C GLY B 377 22.11 -20.84 12.65
N ASN B 378 21.71 -21.51 11.57
CA ASN B 378 21.54 -20.87 10.28
C ASN B 378 20.20 -20.17 10.18
N LEU B 379 20.15 -19.10 9.39
CA LEU B 379 18.92 -18.40 9.06
C LEU B 379 18.77 -18.48 7.55
N GLN B 380 17.82 -19.29 7.10
CA GLN B 380 17.50 -19.40 5.67
C GLN B 380 16.55 -18.29 5.28
N TYR B 381 16.79 -17.70 4.11
CA TYR B 381 15.91 -16.71 3.51
C TYR B 381 15.12 -17.35 2.37
N TYR B 382 13.83 -16.98 2.25
CA TYR B 382 12.92 -17.61 1.31
C TYR B 382 12.06 -16.57 0.58
N LEU B 383 11.71 -16.91 -0.66
CA LEU B 383 10.72 -16.17 -1.40
C LEU B 383 9.57 -17.11 -1.75
N TYR B 384 8.35 -16.62 -1.59
CA TYR B 384 7.17 -17.36 -1.96
C TYR B 384 6.70 -16.88 -3.34
N ASN B 385 6.48 -17.83 -4.25
CA ASN B 385 5.98 -17.54 -5.61
C ASN B 385 6.92 -16.61 -6.38
N TRP B 386 8.23 -16.79 -6.17
CA TRP B 386 9.23 -16.10 -6.97
C TRP B 386 10.40 -17.05 -7.15
N LYS B 387 10.60 -17.49 -8.37
N LYS B 387 10.60 -17.49 -8.37
CA LYS B 387 11.64 -18.46 -8.70
CA LYS B 387 11.64 -18.45 -8.69
C LYS B 387 12.82 -17.69 -9.28
C LYS B 387 12.83 -17.68 -9.27
N CYS B 388 13.97 -17.77 -8.60
CA CYS B 388 15.16 -17.03 -9.01
C CYS B 388 16.38 -17.77 -8.50
N PRO B 389 17.58 -17.46 -9.01
CA PRO B 389 18.78 -18.16 -8.53
C PRO B 389 19.07 -17.82 -7.08
N SER B 390 19.67 -18.78 -6.37
CA SER B 390 20.10 -18.48 -5.02
C SER B 390 21.33 -17.57 -5.05
N MET B 391 21.68 -17.02 -3.89
CA MET B 391 22.79 -16.09 -3.77
C MET B 391 23.56 -16.43 -2.50
N GLY B 392 24.82 -15.96 -2.44
CA GLY B 392 25.59 -16.08 -1.23
C GLY B 392 25.12 -15.08 -0.19
N ALA B 393 25.47 -15.39 1.07
CA ALA B 393 25.06 -14.56 2.19
C ALA B 393 25.48 -13.10 2.00
N GLU B 394 26.66 -12.88 1.41
CA GLU B 394 27.16 -11.51 1.27
C GLU B 394 26.34 -10.70 0.28
N LYS B 395 25.44 -11.32 -0.46
CA LYS B 395 24.56 -10.59 -1.36
C LYS B 395 23.17 -10.39 -0.78
N VAL B 396 22.86 -11.03 0.35
CA VAL B 396 21.62 -10.75 1.07
C VAL B 396 21.75 -9.40 1.78
N GLY B 397 20.79 -8.50 1.53
CA GLY B 397 20.80 -7.20 2.17
C GLY B 397 19.48 -6.88 2.84
N LEU B 398 18.91 -7.87 3.54
CA LEU B 398 17.60 -7.74 4.15
C LEU B 398 17.68 -8.33 5.56
N VAL B 399 17.24 -7.56 6.54
CA VAL B 399 17.23 -8.02 7.93
C VAL B 399 15.81 -7.89 8.47
N LEU B 400 15.24 -9.00 8.93
CA LEU B 400 13.92 -9.01 9.54
C LEU B 400 14.07 -9.03 11.06
N GLN B 401 12.95 -9.20 11.77
CA GLN B 401 12.92 -9.23 13.24
C GLN B 401 12.77 -10.65 13.79
N GLY C 1 -9.92 16.82 -10.45
CA GLY C 1 -11.32 16.61 -10.14
C GLY C 1 -12.13 16.26 -11.38
N ASN C 2 -13.40 15.92 -11.15
CA ASN C 2 -14.34 15.69 -12.25
C ASN C 2 -14.68 17.03 -12.91
N CYS C 3 -15.46 16.98 -13.98
CA CYS C 3 -15.91 18.23 -14.59
C CYS C 3 -17.41 18.13 -14.85
N PHE C 4 -18.11 19.25 -14.68
CA PHE C 4 -19.55 19.27 -14.86
C PHE C 4 -19.87 19.66 -16.30
N SER C 5 -20.43 18.71 -17.04
CA SER C 5 -20.83 18.91 -18.42
C SER C 5 -22.35 18.97 -18.51
N LYS C 6 -22.84 19.59 -19.58
CA LYS C 6 -24.26 19.61 -19.89
C LYS C 6 -24.38 19.56 -21.41
N PRO C 7 -25.54 19.11 -21.93
CA PRO C 7 -25.70 18.92 -23.39
C PRO C 7 -25.29 20.15 -24.20
N ARG C 8 -24.50 19.93 -25.24
CA ARG C 8 -24.12 20.97 -26.19
C ARG C 8 -25.38 21.48 -26.87
N NH2 C 9 -25.58 22.89 -27.04
N GLY D 1 9.91 -16.64 10.62
CA GLY D 1 10.35 -16.23 11.95
C GLY D 1 11.88 -16.19 12.06
N ASN D 2 12.38 -15.50 13.08
CA ASN D 2 13.80 -15.48 13.39
C ASN D 2 14.23 -16.84 13.94
N CYS D 3 15.53 -17.06 14.07
CA CYS D 3 15.99 -18.28 14.70
C CYS D 3 16.92 -17.95 15.86
N PHE D 4 16.84 -18.76 16.91
CA PHE D 4 17.66 -18.56 18.09
C PHE D 4 18.96 -19.31 17.90
N SER D 5 20.06 -18.57 17.81
CA SER D 5 21.39 -19.15 17.68
C SER D 5 22.18 -18.88 18.96
N LYS D 6 23.18 -19.72 19.20
CA LYS D 6 24.13 -19.45 20.27
C LYS D 6 25.48 -20.00 19.84
N PRO D 7 26.57 -19.59 20.51
CA PRO D 7 27.90 -19.96 20.00
C PRO D 7 28.11 -21.47 19.87
N ARG D 8 28.67 -21.89 18.73
CA ARG D 8 29.09 -23.25 18.52
C ARG D 8 30.13 -23.59 19.59
N NH2 D 9 31.26 -22.68 19.80
N1A COA E . -6.19 21.49 -11.50
C2A COA E . -4.83 21.66 -11.44
N3A COA E . -4.29 22.91 -11.53
C4A COA E . -5.10 23.98 -11.68
C5A COA E . -6.45 23.82 -11.76
C6A COA E . -6.98 22.56 -11.66
N6A COA E . -8.41 22.07 -11.71
N7A COA E . -7.02 25.04 -11.91
C8A COA E . -6.02 25.96 -11.94
N9A COA E . -4.85 25.30 -11.79
C1B COA E . -3.57 25.89 -11.79
C2B COA E . -3.55 26.87 -12.69
O2B COA E . -3.31 26.35 -14.04
C3B COA E . -2.37 27.73 -12.19
O3B COA E . -1.21 27.15 -12.48
P3B COA E . -0.38 27.77 -13.79
O7A COA E . 0.68 26.80 -14.23
O8A COA E . 0.27 29.06 -13.40
O9A COA E . -1.35 27.99 -14.93
C4B COA E . -2.62 27.73 -10.62
O4B COA E . -3.17 26.58 -10.34
C5B COA E . -3.59 28.86 -10.29
O5B COA E . -3.34 29.23 -8.95
P1A COA E . -4.62 29.76 -8.04
O1A COA E . -4.63 29.16 -6.64
O2A COA E . -4.54 31.27 -7.95
O3A COA E . -6.05 29.29 -8.80
P2A COA E . -7.49 29.16 -7.86
O4A COA E . -8.64 29.72 -8.70
O5A COA E . -7.40 29.92 -6.54
O6A COA E . -7.72 27.55 -7.48
CBP COA E . -9.21 25.77 -8.12
CCP COA E . -8.02 26.65 -8.56
CDP COA E . -9.61 24.90 -9.33
CEP COA E . -8.76 24.90 -6.97
CAP COA E . -10.31 26.69 -7.64
OAP COA E . -10.64 27.58 -8.68
C9P COA E . -11.55 25.89 -7.24
O9P COA E . -11.72 25.48 -6.14
N8P COA E . -12.56 25.68 -8.30
C7P COA E . -13.83 24.92 -8.04
C6P COA E . -13.43 23.43 -7.87
C5P COA E . -12.50 22.96 -8.99
O5P COA E . -12.59 23.37 -10.14
N4P COA E . -11.49 21.95 -8.60
C3P COA E . -10.52 21.38 -9.53
C2P COA E . -11.24 20.38 -10.53
S1P COA E . -9.95 19.72 -11.63
C1 GOL F . 1.34 12.85 -19.07
O1 GOL F . -0.03 13.07 -18.88
C2 GOL F . 1.56 12.11 -20.39
O2 GOL F . 2.92 11.85 -20.60
C3 GOL F . 1.02 12.91 -21.57
O3 GOL F . 1.00 12.06 -22.69
C1 GOL G . -12.01 4.24 -8.79
O1 GOL G . -11.63 5.50 -8.30
C2 GOL G . -11.06 3.87 -9.93
O2 GOL G . -11.73 3.44 -11.08
C3 GOL G . -10.08 2.81 -9.47
O3 GOL G . -8.80 3.38 -9.35
CL CL H . -10.11 9.60 7.18
N1A COA I . 8.17 -22.50 8.68
C2A COA I . 7.41 -22.94 7.63
N3A COA I . 6.91 -24.21 7.63
C4A COA I . 7.21 -25.03 8.67
C5A COA I . 7.97 -24.61 9.71
C6A COA I . 8.45 -23.31 9.71
N6A COA I . 9.30 -22.56 10.69
N7A COA I . 8.10 -25.61 10.58
C8A COA I . 7.42 -26.68 10.09
N9A COA I . 6.88 -26.31 8.91
C1B COA I . 6.10 -27.13 8.06
C2B COA I . 6.67 -28.33 7.95
O2B COA I . 7.70 -28.36 6.90
C3B COA I . 5.48 -29.23 7.52
O3B COA I . 5.27 -29.09 6.21
P3B COA I . 5.85 -30.31 5.22
O7A COA I . 5.99 -29.80 3.80
O8A COA I . 4.88 -31.48 5.30
O9A COA I . 7.20 -30.76 5.70
C4B COA I . 4.29 -28.62 8.38
O4B COA I . 4.58 -27.38 8.67
C5B COA I . 4.14 -29.36 9.71
O5B COA I . 2.90 -28.89 10.22
P1A COA I . 2.65 -29.02 11.85
O1A COA I . 1.58 -28.06 12.36
O2A COA I . 2.28 -30.45 12.17
O3A COA I . 4.13 -28.63 12.58
P2A COA I . 4.12 -27.81 14.08
O4A COA I . 5.38 -28.19 14.85
O5A COA I . 2.86 -28.19 14.86
O6A COA I . 4.07 -26.16 13.81
CBP COA I . 5.59 -24.36 14.15
CCP COA I . 5.24 -25.57 13.27
CDP COA I . 6.98 -23.84 13.72
CEP COA I . 4.52 -23.32 13.93
CAP COA I . 5.56 -24.78 15.61
OAP COA I . 6.41 -25.89 15.81
C9P COA I . 6.05 -23.63 16.49
O9P COA I . 5.31 -22.75 16.83
N8P COA I . 7.46 -23.66 16.90
C7P COA I . 8.06 -22.59 17.76
C6P COA I . 8.02 -21.22 16.99
C5P COA I . 8.65 -21.32 15.61
O5P COA I . 9.59 -22.07 15.39
N4P COA I . 8.11 -20.45 14.53
C3P COA I . 8.65 -20.46 13.16
C2P COA I . 10.18 -20.00 13.18
S1P COA I . 10.68 -19.87 11.43
C1 GOL J . 15.02 -19.87 -4.38
O1 GOL J . 16.24 -19.40 -4.93
C2 GOL J . 13.96 -18.79 -4.56
O2 GOL J . 13.45 -18.88 -5.87
C3 GOL J . 12.81 -19.01 -3.58
O3 GOL J . 13.25 -18.86 -2.24
C1 GOL K . 11.15 -5.01 7.96
O1 GOL K . 12.03 -5.70 8.82
C2 GOL K . 11.96 -4.06 7.08
O2 GOL K . 11.84 -4.44 5.73
C3 GOL K . 13.41 -4.03 7.58
O3 GOL K . 14.25 -4.84 6.81
CL CL L . -3.38 -4.10 14.65
CL CL M . 19.79 -21.80 -7.85
C1 MYR N . -9.07 17.23 -9.51
O1 MYR N . -9.49 17.45 -8.35
C2 MYR N . -7.62 16.87 -9.82
C3 MYR N . -6.70 18.07 -9.57
C4 MYR N . -5.24 17.62 -9.76
C5 MYR N . -4.27 18.65 -9.16
C6 MYR N . -2.83 18.36 -9.60
C7 MYR N . -2.30 17.04 -9.01
C8 MYR N . -0.87 16.75 -9.48
C9 MYR N . -0.31 15.45 -8.87
C10 MYR N . 0.04 15.66 -7.39
C11 MYR N . 0.48 14.37 -6.70
C12 MYR N . 1.87 13.89 -7.16
C13 MYR N . 2.32 12.71 -6.30
C14 MYR N . 3.56 12.01 -6.89
C1 MYR O . 8.69 -17.12 10.44
O1 MYR O . 7.76 -16.81 11.22
C2 MYR O . 8.40 -17.41 8.96
C3 MYR O . 7.38 -18.52 8.77
C4 MYR O . 6.96 -18.46 7.28
C5 MYR O . 5.91 -19.50 6.93
C6 MYR O . 5.76 -19.61 5.41
C7 MYR O . 4.99 -18.40 4.84
C8 MYR O . 4.76 -18.56 3.33
C9 MYR O . 4.30 -17.24 2.69
C10 MYR O . 2.83 -17.00 3.00
C11 MYR O . 2.35 -15.68 2.38
C12 MYR O . 2.23 -15.75 0.85
C13 MYR O . 1.63 -14.41 0.33
C14 MYR O . 1.62 -14.35 -1.19
#